data_8WF6
#
_entry.id   8WF6
#
_cell.length_a   71.310
_cell.length_b   112.240
_cell.length_c   83.920
_cell.angle_alpha   90.000
_cell.angle_beta   97.520
_cell.angle_gamma   90.000
#
_symmetry.space_group_name_H-M   'P 1 21 1'
#
loop_
_entity.id
_entity.type
_entity.pdbx_description
1 polymer '14-3-3 protein zeta/delta'
2 polymer 'S559 phosphorylated peptide'
3 non-polymer 'SUCCINIC ACID'
4 water water
#
loop_
_entity_poly.entity_id
_entity_poly.type
_entity_poly.pdbx_seq_one_letter_code
_entity_poly.pdbx_strand_id
1 'polypeptide(L)'
;SMDKNELVQKAKLAEQAERYDDMAACMKSVTEQGAELSNEERNLLSVAYKNVVGARRSSWRVVSSIEQKTEGAEKKQQMA
REYREKIETELRDICNDVLSLLEKFLIPNASQAESKVFYLKMKGDYYRYLAEVAAGDDKKGIVDQSQQAYQEAFEISKKE
MQPTHPIRLGLALNFSVFYYEILNSPEKACSLAKTAFDEAIAELDTLSEESYKDSTLIMQLLRDNLTLWTSDTQGDEAEA
GEGGEN
;
A,B,C,D
2 'polypeptide(L)' LFLRG(SEP)LPTFRS Q,R,E,F
#
# COMPACT_ATOMS: atom_id res chain seq x y z
N MET A 2 -20.12 8.18 -16.08
CA MET A 2 -19.08 9.08 -16.59
C MET A 2 -19.31 9.40 -18.05
N ASP A 3 -18.48 10.29 -18.60
CA ASP A 3 -18.57 10.64 -20.01
C ASP A 3 -18.20 9.44 -20.87
N LYS A 4 -18.93 9.25 -21.96
CA LYS A 4 -18.62 8.17 -22.90
C LYS A 4 -17.32 8.47 -23.65
N ASN A 5 -17.09 9.73 -24.00
CA ASN A 5 -15.86 10.09 -24.69
C ASN A 5 -14.66 9.98 -23.75
N GLU A 6 -14.83 10.36 -22.48
CA GLU A 6 -13.75 10.23 -21.52
C GLU A 6 -13.43 8.76 -21.25
N LEU A 7 -14.45 7.90 -21.26
CA LEU A 7 -14.21 6.47 -21.10
C LEU A 7 -13.48 5.89 -22.29
N VAL A 8 -13.85 6.32 -23.51
CA VAL A 8 -13.20 5.82 -24.71
C VAL A 8 -11.74 6.26 -24.75
N GLN A 9 -11.47 7.50 -24.37
CA GLN A 9 -10.09 7.99 -24.41
C GLN A 9 -9.26 7.40 -23.27
N LYS A 10 -9.90 7.06 -22.14
CA LYS A 10 -9.20 6.30 -21.11
C LYS A 10 -8.89 4.89 -21.57
N ALA A 11 -9.80 4.30 -22.37
CA ALA A 11 -9.55 2.98 -22.92
C ALA A 11 -8.40 3.02 -23.94
N LYS A 12 -8.35 4.06 -24.76
CA LYS A 12 -7.24 4.21 -25.69
C LYS A 12 -5.92 4.38 -24.94
N LEU A 13 -5.96 5.04 -23.79
CA LEU A 13 -4.75 5.19 -22.97
C LEU A 13 -4.32 3.85 -22.39
N ALA A 14 -5.27 3.02 -21.97
CA ALA A 14 -4.92 1.73 -21.39
C ALA A 14 -4.28 0.80 -22.40
N GLU A 15 -4.58 0.98 -23.69
CA GLU A 15 -3.99 0.13 -24.71
C GLU A 15 -2.52 0.43 -24.90
N GLN A 16 -2.16 1.72 -25.02
CA GLN A 16 -0.76 2.09 -25.14
C GLN A 16 0.04 1.62 -23.93
N ALA A 17 -0.57 1.63 -22.75
CA ALA A 17 0.07 1.11 -21.56
C ALA A 17 -0.06 -0.41 -21.43
N GLU A 18 -0.78 -1.05 -22.35
CA GLU A 18 -0.97 -2.51 -22.35
C GLU A 18 -1.59 -2.98 -21.03
N ARG A 19 -2.49 -2.17 -20.47
CA ARG A 19 -3.22 -2.53 -19.27
C ARG A 19 -4.62 -2.94 -19.71
N TYR A 20 -4.71 -4.17 -20.23
CA TYR A 20 -5.89 -4.63 -20.94
C TYR A 20 -7.07 -4.89 -20.02
N ASP A 21 -6.82 -5.15 -18.73
CA ASP A 21 -7.93 -5.25 -17.78
C ASP A 21 -8.60 -3.90 -17.58
N ASP A 22 -7.80 -2.82 -17.53
CA ASP A 22 -8.37 -1.48 -17.48
C ASP A 22 -9.15 -1.17 -18.75
N MET A 23 -8.60 -1.54 -19.92
CA MET A 23 -9.26 -1.21 -21.17
C MET A 23 -10.61 -1.91 -21.27
N ALA A 24 -10.65 -3.19 -20.87
CA ALA A 24 -11.91 -3.93 -20.91
C ALA A 24 -12.93 -3.35 -19.94
N ALA A 25 -12.49 -2.96 -18.74
CA ALA A 25 -13.40 -2.36 -17.78
C ALA A 25 -13.95 -1.03 -18.28
N CYS A 26 -13.09 -0.21 -18.90
CA CYS A 26 -13.56 1.04 -19.50
C CYS A 26 -14.53 0.76 -20.63
N MET A 27 -14.19 -0.18 -21.51
CA MET A 27 -15.03 -0.45 -22.67
C MET A 27 -16.32 -1.17 -22.29
N LYS A 28 -16.29 -1.94 -21.20
CA LYS A 28 -17.52 -2.58 -20.74
C LYS A 28 -18.51 -1.54 -20.24
N SER A 29 -18.03 -0.49 -19.59
CA SER A 29 -18.91 0.58 -19.13
C SER A 29 -19.51 1.35 -20.30
N VAL A 30 -18.73 1.52 -21.38
CA VAL A 30 -19.25 2.18 -22.57
C VAL A 30 -20.37 1.35 -23.19
N THR A 31 -20.16 0.03 -23.29
CA THR A 31 -21.19 -0.83 -23.85
C THR A 31 -22.46 -0.83 -23.01
N GLU A 32 -22.30 -0.75 -21.68
CA GLU A 32 -23.45 -0.79 -20.78
C GLU A 32 -24.31 0.46 -20.86
N GLN A 33 -23.86 1.51 -21.54
CA GLN A 33 -24.65 2.73 -21.64
C GLN A 33 -25.87 2.55 -22.54
N GLY A 34 -25.84 1.59 -23.46
CA GLY A 34 -26.99 1.23 -24.26
C GLY A 34 -26.92 1.59 -25.72
N ALA A 35 -26.06 2.54 -26.08
CA ALA A 35 -25.99 2.99 -27.47
C ALA A 35 -25.18 2.02 -28.33
N GLU A 36 -25.52 1.97 -29.61
CA GLU A 36 -24.77 1.15 -30.56
C GLU A 36 -23.33 1.64 -30.65
N LEU A 37 -22.39 0.72 -30.52
CA LEU A 37 -20.98 1.07 -30.54
C LEU A 37 -20.52 1.38 -31.95
N SER A 38 -19.74 2.45 -32.09
CA SER A 38 -19.15 2.79 -33.38
C SER A 38 -18.04 1.80 -33.72
N ASN A 39 -17.54 1.91 -34.95
CA ASN A 39 -16.51 0.98 -35.41
C ASN A 39 -15.25 1.10 -34.56
N GLU A 40 -14.88 2.32 -34.16
CA GLU A 40 -13.72 2.50 -33.29
C GLU A 40 -13.98 1.89 -31.91
N GLU A 41 -15.13 2.23 -31.31
CA GLU A 41 -15.47 1.65 -30.01
C GLU A 41 -15.60 0.13 -30.09
N ARG A 42 -16.09 -0.38 -31.21
CA ARG A 42 -16.24 -1.82 -31.38
C ARG A 42 -14.89 -2.53 -31.40
N ASN A 43 -13.91 -1.94 -32.08
CA ASN A 43 -12.59 -2.57 -32.16
C ASN A 43 -11.85 -2.47 -30.83
N LEU A 44 -12.02 -1.36 -30.11
CA LEU A 44 -11.41 -1.23 -28.80
C LEU A 44 -11.95 -2.28 -27.84
N LEU A 45 -13.26 -2.56 -27.90
CA LEU A 45 -13.83 -3.60 -27.05
C LEU A 45 -13.35 -4.98 -27.46
N SER A 46 -13.26 -5.23 -28.78
CA SER A 46 -12.78 -6.52 -29.25
C SER A 46 -11.33 -6.73 -28.86
N VAL A 47 -10.49 -5.72 -29.02
CA VAL A 47 -9.07 -5.86 -28.69
C VAL A 47 -8.89 -6.05 -27.19
N ALA A 48 -9.69 -5.35 -26.39
CA ALA A 48 -9.60 -5.44 -24.93
C ALA A 48 -9.80 -6.87 -24.46
N TYR A 49 -11.01 -7.40 -24.65
CA TYR A 49 -11.34 -8.72 -24.12
C TYR A 49 -10.54 -9.82 -24.81
N LYS A 50 -10.08 -9.57 -26.05
CA LYS A 50 -9.21 -10.53 -26.71
C LYS A 50 -7.91 -10.72 -25.92
N ASN A 51 -7.39 -9.64 -25.36
CA ASN A 51 -6.16 -9.73 -24.58
C ASN A 51 -6.41 -10.24 -23.16
N VAL A 52 -7.56 -9.89 -22.57
CA VAL A 52 -7.87 -10.34 -21.21
C VAL A 52 -8.09 -11.85 -21.18
N VAL A 53 -8.93 -12.35 -22.08
CA VAL A 53 -9.17 -13.79 -22.12
C VAL A 53 -7.96 -14.52 -22.72
N GLY A 54 -7.20 -13.84 -23.57
CA GLY A 54 -6.03 -14.47 -24.17
C GLY A 54 -4.94 -14.77 -23.17
N ALA A 55 -4.78 -13.92 -22.15
CA ALA A 55 -3.80 -14.18 -21.11
C ALA A 55 -4.18 -15.42 -20.31
N ARG A 56 -5.47 -15.59 -20.02
CA ARG A 56 -5.92 -16.77 -19.29
C ARG A 56 -5.88 -18.02 -20.16
N ARG A 57 -6.15 -17.87 -21.46
CA ARG A 57 -6.06 -19.02 -22.37
C ARG A 57 -4.64 -19.55 -22.44
N SER A 58 -3.65 -18.65 -22.55
CA SER A 58 -2.26 -19.07 -22.57
C SER A 58 -1.86 -19.69 -21.23
N SER A 59 -2.28 -19.09 -20.13
CA SER A 59 -1.98 -19.65 -18.81
C SER A 59 -2.63 -21.02 -18.64
N TRP A 60 -3.86 -21.17 -19.13
CA TRP A 60 -4.57 -22.44 -18.96
C TRP A 60 -3.88 -23.56 -19.72
N ARG A 61 -3.48 -23.30 -20.96
CA ARG A 61 -2.80 -24.33 -21.75
C ARG A 61 -1.54 -24.81 -21.08
N VAL A 62 -0.82 -23.90 -20.41
CA VAL A 62 0.44 -24.27 -19.76
C VAL A 62 0.16 -25.10 -18.51
N VAL A 63 -0.70 -24.60 -17.62
CA VAL A 63 -0.96 -25.30 -16.36
C VAL A 63 -1.71 -26.60 -16.60
N SER A 64 -2.60 -26.63 -17.59
CA SER A 64 -3.30 -27.87 -17.89
C SER A 64 -2.35 -28.92 -18.46
N SER A 65 -1.44 -28.51 -19.35
CA SER A 65 -0.49 -29.46 -19.92
C SER A 65 0.45 -30.01 -18.85
N ILE A 66 0.88 -29.16 -17.92
CA ILE A 66 1.71 -29.62 -16.81
C ILE A 66 0.95 -30.63 -15.97
N GLU A 67 -0.37 -30.45 -15.83
CA GLU A 67 -1.17 -31.34 -15.00
C GLU A 67 -1.24 -32.75 -15.58
N GLN A 68 -1.44 -32.86 -16.90
CA GLN A 68 -1.57 -34.18 -17.51
C GLN A 68 -0.20 -34.83 -17.75
N LYS A 69 0.80 -34.03 -18.12
CA LYS A 69 2.14 -34.54 -18.41
C LYS A 69 2.97 -34.77 -17.15
N THR A 70 2.33 -35.17 -16.05
CA THR A 70 3.05 -35.45 -14.80
C THR A 70 3.74 -36.82 -14.87
N GLU A 74 2.16 -37.13 -8.58
CA GLU A 74 1.15 -37.33 -7.53
C GLU A 74 0.82 -36.02 -6.83
N LYS A 75 1.64 -35.65 -5.85
CA LYS A 75 1.41 -34.42 -5.11
C LYS A 75 1.49 -33.20 -6.01
N LYS A 76 2.40 -33.23 -6.99
CA LYS A 76 2.54 -32.10 -7.90
C LYS A 76 1.32 -31.96 -8.81
N GLN A 77 0.75 -33.10 -9.24
CA GLN A 77 -0.45 -33.05 -10.08
C GLN A 77 -1.62 -32.45 -9.34
N GLN A 78 -1.62 -32.52 -8.01
CA GLN A 78 -2.70 -31.92 -7.24
C GLN A 78 -2.69 -30.40 -7.37
N MET A 79 -1.55 -29.76 -7.10
CA MET A 79 -1.47 -28.31 -7.20
C MET A 79 -1.65 -27.83 -8.64
N ALA A 80 -1.12 -28.57 -9.61
CA ALA A 80 -1.31 -28.21 -11.01
C ALA A 80 -2.79 -28.27 -11.38
N ARG A 81 -3.51 -29.27 -10.86
CA ARG A 81 -4.95 -29.33 -11.07
C ARG A 81 -5.64 -28.14 -10.41
N GLU A 82 -5.36 -27.92 -9.12
CA GLU A 82 -6.00 -26.82 -8.40
C GLU A 82 -5.71 -25.48 -9.05
N TYR A 83 -4.51 -25.31 -9.61
CA TYR A 83 -4.18 -24.05 -10.25
C TYR A 83 -4.94 -23.87 -11.56
N ARG A 84 -5.13 -24.96 -12.31
CA ARG A 84 -5.87 -24.86 -13.56
C ARG A 84 -7.33 -24.51 -13.31
N GLU A 85 -7.95 -25.12 -12.29
CA GLU A 85 -9.33 -24.80 -11.96
C GLU A 85 -9.47 -23.33 -11.57
N LYS A 86 -8.46 -22.78 -10.88
CA LYS A 86 -8.49 -21.37 -10.54
C LYS A 86 -8.42 -20.49 -11.79
N ILE A 87 -7.54 -20.85 -12.73
CA ILE A 87 -7.47 -20.13 -14.00
C ILE A 87 -8.73 -20.35 -14.81
N GLU A 88 -9.27 -21.58 -14.77
CA GLU A 88 -10.50 -21.87 -15.51
C GLU A 88 -11.66 -21.01 -15.03
N THR A 89 -11.75 -20.79 -13.72
CA THR A 89 -12.79 -19.93 -13.17
C THR A 89 -12.65 -18.51 -13.69
N GLU A 90 -11.41 -17.99 -13.68
CA GLU A 90 -11.15 -16.67 -14.24
C GLU A 90 -11.58 -16.60 -15.70
N LEU A 91 -11.23 -17.63 -16.48
CA LEU A 91 -11.59 -17.64 -17.90
C LEU A 91 -13.10 -17.76 -18.10
N ARG A 92 -13.77 -18.52 -17.24
CA ARG A 92 -15.22 -18.65 -17.33
C ARG A 92 -15.90 -17.32 -17.04
N ASP A 93 -15.40 -16.56 -16.06
CA ASP A 93 -15.99 -15.29 -15.73
C ASP A 93 -15.82 -14.28 -16.86
N ILE A 94 -14.66 -14.29 -17.52
CA ILE A 94 -14.40 -13.36 -18.61
C ILE A 94 -15.31 -13.67 -19.80
N CYS A 95 -15.45 -14.96 -20.13
CA CYS A 95 -16.26 -15.32 -21.29
C CYS A 95 -17.74 -15.04 -21.03
N ASN A 96 -18.22 -15.30 -19.82
CA ASN A 96 -19.61 -14.99 -19.50
C ASN A 96 -19.87 -13.49 -19.56
N ASP A 97 -18.84 -12.66 -19.38
CA ASP A 97 -19.01 -11.22 -19.47
C ASP A 97 -19.25 -10.78 -20.91
N VAL A 98 -18.43 -11.27 -21.84
CA VAL A 98 -18.56 -10.89 -23.24
C VAL A 98 -19.90 -11.36 -23.80
N LEU A 99 -20.28 -12.60 -23.50
CA LEU A 99 -21.53 -13.14 -24.01
C LEU A 99 -22.74 -12.40 -23.45
N SER A 100 -22.62 -11.85 -22.24
CA SER A 100 -23.72 -11.08 -21.67
C SER A 100 -23.84 -9.72 -22.34
N LEU A 101 -22.71 -9.07 -22.63
CA LEU A 101 -22.76 -7.80 -23.34
C LEU A 101 -23.29 -7.97 -24.77
N LEU A 102 -23.00 -9.12 -25.39
CA LEU A 102 -23.51 -9.36 -26.73
C LEU A 102 -25.00 -9.67 -26.71
N GLU A 103 -25.47 -10.37 -25.67
CA GLU A 103 -26.86 -10.80 -25.62
C GLU A 103 -27.81 -9.64 -25.31
N LYS A 104 -27.41 -8.75 -24.41
CA LYS A 104 -28.31 -7.71 -23.92
C LYS A 104 -28.08 -6.35 -24.55
N PHE A 105 -26.97 -6.15 -25.26
CA PHE A 105 -26.66 -4.83 -25.80
C PHE A 105 -26.24 -4.88 -27.27
N LEU A 106 -25.11 -5.53 -27.54
CA LEU A 106 -24.42 -5.35 -28.82
C LEU A 106 -25.22 -5.92 -29.98
N ILE A 107 -25.57 -7.21 -29.91
CA ILE A 107 -26.30 -7.84 -31.02
C ILE A 107 -27.67 -7.21 -31.23
N PRO A 108 -28.49 -6.97 -30.19
CA PRO A 108 -29.79 -6.32 -30.45
C PRO A 108 -29.67 -4.94 -31.04
N ASN A 109 -28.62 -4.19 -30.73
CA ASN A 109 -28.44 -2.85 -31.27
C ASN A 109 -27.86 -2.84 -32.68
N ALA A 110 -27.37 -3.98 -33.17
CA ALA A 110 -26.72 -4.04 -34.48
C ALA A 110 -27.71 -3.73 -35.60
N SER A 111 -27.51 -2.60 -36.29
CA SER A 111 -28.35 -2.22 -37.40
C SER A 111 -27.81 -2.73 -38.73
N GLN A 112 -26.56 -2.42 -39.03
CA GLN A 112 -25.94 -2.89 -40.27
C GLN A 112 -25.68 -4.38 -40.20
N ALA A 113 -25.55 -5.00 -41.38
CA ALA A 113 -25.10 -6.38 -41.44
C ALA A 113 -23.66 -6.52 -40.96
N GLU A 114 -22.82 -5.51 -41.23
CA GLU A 114 -21.46 -5.50 -40.73
C GLU A 114 -21.43 -5.59 -39.21
N SER A 115 -22.19 -4.72 -38.54
CA SER A 115 -22.26 -4.76 -37.09
C SER A 115 -22.78 -6.10 -36.60
N LYS A 116 -23.72 -6.70 -37.33
CA LYS A 116 -24.23 -8.02 -36.99
C LYS A 116 -23.11 -9.05 -37.04
N VAL A 117 -22.73 -9.46 -38.25
CA VAL A 117 -21.76 -10.55 -38.49
C VAL A 117 -20.57 -10.47 -37.53
N PHE A 118 -20.14 -9.25 -37.22
CA PHE A 118 -19.03 -9.08 -36.28
C PHE A 118 -19.40 -9.62 -34.90
N TYR A 119 -20.58 -9.26 -34.40
CA TYR A 119 -20.95 -9.63 -33.03
C TYR A 119 -21.34 -11.09 -32.91
N LEU A 120 -21.92 -11.69 -33.95
CA LEU A 120 -22.16 -13.13 -33.92
C LEU A 120 -20.84 -13.90 -33.99
N LYS A 121 -19.89 -13.41 -34.79
CA LYS A 121 -18.56 -14.01 -34.79
C LYS A 121 -17.92 -13.89 -33.42
N MET A 122 -18.11 -12.76 -32.75
CA MET A 122 -17.67 -12.61 -31.36
C MET A 122 -18.29 -13.69 -30.47
N LYS A 123 -19.61 -13.90 -30.61
CA LYS A 123 -20.31 -14.85 -29.76
C LYS A 123 -19.80 -16.26 -29.98
N GLY A 124 -19.54 -16.63 -31.24
CA GLY A 124 -19.00 -17.95 -31.52
C GLY A 124 -17.59 -18.13 -31.00
N ASP A 125 -16.79 -17.05 -31.01
CA ASP A 125 -15.42 -17.14 -30.52
C ASP A 125 -15.37 -17.43 -29.03
N TYR A 126 -16.17 -16.71 -28.24
CA TYR A 126 -16.11 -16.83 -26.80
C TYR A 126 -16.85 -18.05 -26.26
N TYR A 127 -17.73 -18.65 -27.07
CA TYR A 127 -18.23 -19.98 -26.74
C TYR A 127 -17.20 -21.04 -27.09
N ARG A 128 -16.45 -20.83 -28.19
CA ARG A 128 -15.36 -21.72 -28.53
C ARG A 128 -14.28 -21.70 -27.44
N TYR A 129 -14.04 -20.52 -26.85
CA TYR A 129 -13.11 -20.44 -25.73
C TYR A 129 -13.65 -21.21 -24.52
N LEU A 130 -14.96 -21.16 -24.29
CA LEU A 130 -15.57 -21.95 -23.23
C LEU A 130 -15.52 -23.43 -23.55
N ALA A 131 -15.64 -23.80 -24.83
CA ALA A 131 -15.57 -25.20 -25.22
C ALA A 131 -14.16 -25.76 -25.09
N GLU A 132 -13.13 -24.91 -25.15
CA GLU A 132 -11.75 -25.37 -24.95
C GLU A 132 -11.53 -25.89 -23.54
N VAL A 133 -12.33 -25.45 -22.57
CA VAL A 133 -12.15 -25.84 -21.19
C VAL A 133 -13.31 -26.67 -20.65
N ALA A 134 -14.47 -26.63 -21.29
CA ALA A 134 -15.64 -27.34 -20.78
C ALA A 134 -15.45 -28.85 -20.90
N ALA A 135 -16.17 -29.58 -20.05
CA ALA A 135 -16.10 -31.03 -20.03
C ALA A 135 -17.45 -31.59 -19.61
N GLY A 136 -17.71 -32.83 -20.01
CA GLY A 136 -18.94 -33.50 -19.66
C GLY A 136 -20.11 -33.08 -20.53
N ASP A 137 -21.31 -33.25 -19.98
CA ASP A 137 -22.52 -32.88 -20.70
C ASP A 137 -22.62 -31.37 -20.91
N ASP A 138 -21.95 -30.58 -20.08
CA ASP A 138 -21.94 -29.13 -20.29
C ASP A 138 -21.16 -28.76 -21.56
N LYS A 139 -20.20 -29.59 -21.96
CA LYS A 139 -19.42 -29.29 -23.16
C LYS A 139 -20.27 -29.42 -24.42
N LYS A 140 -21.19 -30.39 -24.44
CA LYS A 140 -22.01 -30.60 -25.62
C LYS A 140 -22.89 -29.39 -25.92
N GLY A 141 -23.44 -28.76 -24.87
CA GLY A 141 -24.26 -27.58 -25.08
C GLY A 141 -23.44 -26.37 -25.48
N ILE A 142 -22.24 -26.23 -24.90
CA ILE A 142 -21.38 -25.09 -25.24
C ILE A 142 -20.93 -25.17 -26.69
N VAL A 143 -20.59 -26.38 -27.16
CA VAL A 143 -20.12 -26.54 -28.53
C VAL A 143 -21.21 -26.15 -29.53
N ASP A 144 -22.46 -26.55 -29.25
CA ASP A 144 -23.55 -26.22 -30.16
C ASP A 144 -23.85 -24.73 -30.15
N GLN A 145 -23.63 -24.06 -29.02
CA GLN A 145 -23.84 -22.61 -28.98
C GLN A 145 -22.84 -21.88 -29.86
N SER A 146 -21.59 -22.36 -29.88
CA SER A 146 -20.58 -21.73 -30.72
C SER A 146 -20.88 -21.95 -32.20
N GLN A 147 -21.28 -23.16 -32.58
CA GLN A 147 -21.60 -23.44 -33.97
C GLN A 147 -22.84 -22.67 -34.42
N GLN A 148 -23.81 -22.48 -33.52
CA GLN A 148 -25.02 -21.73 -33.88
C GLN A 148 -24.70 -20.30 -34.24
N ALA A 149 -23.91 -19.62 -33.40
CA ALA A 149 -23.53 -18.24 -33.68
C ALA A 149 -22.61 -18.16 -34.89
N TYR A 150 -21.72 -19.13 -35.04
CA TYR A 150 -20.82 -19.15 -36.19
C TYR A 150 -21.60 -19.33 -37.49
N GLN A 151 -22.57 -20.26 -37.50
CA GLN A 151 -23.35 -20.50 -38.70
C GLN A 151 -24.18 -19.28 -39.08
N GLU A 152 -24.84 -18.67 -38.09
CA GLU A 152 -25.69 -17.51 -38.38
C GLU A 152 -24.87 -16.37 -38.98
N ALA A 153 -23.68 -16.11 -38.44
CA ALA A 153 -22.82 -15.08 -39.01
C ALA A 153 -22.35 -15.45 -40.40
N PHE A 154 -22.15 -16.75 -40.66
CA PHE A 154 -21.65 -17.18 -41.96
C PHE A 154 -22.71 -17.00 -43.04
N GLU A 155 -23.97 -17.34 -42.75
CA GLU A 155 -25.02 -17.19 -43.75
C GLU A 155 -25.31 -15.73 -44.06
N ILE A 156 -25.22 -14.86 -43.04
CA ILE A 156 -25.45 -13.44 -43.27
C ILE A 156 -24.31 -12.84 -44.09
N SER A 157 -23.06 -13.20 -43.76
CA SER A 157 -21.92 -12.68 -44.49
C SER A 157 -21.91 -13.16 -45.94
N LYS A 158 -22.47 -14.35 -46.19
CA LYS A 158 -22.57 -14.84 -47.57
C LYS A 158 -23.56 -14.02 -48.38
N LYS A 159 -24.62 -13.52 -47.74
CA LYS A 159 -25.65 -12.79 -48.48
C LYS A 159 -25.20 -11.35 -48.78
N GLU A 160 -24.74 -10.64 -47.76
CA GLU A 160 -24.46 -9.21 -47.89
C GLU A 160 -22.99 -8.92 -48.22
N MET A 161 -22.06 -9.48 -47.44
CA MET A 161 -20.68 -9.04 -47.45
C MET A 161 -19.93 -9.61 -48.65
N GLN A 162 -19.04 -8.79 -49.22
CA GLN A 162 -18.22 -9.22 -50.34
C GLN A 162 -17.22 -10.29 -49.89
N PRO A 163 -16.76 -11.15 -50.81
CA PRO A 163 -15.88 -12.25 -50.39
C PRO A 163 -14.51 -11.78 -49.90
N THR A 164 -14.02 -10.64 -50.40
CA THR A 164 -12.74 -10.10 -49.96
C THR A 164 -12.87 -9.23 -48.72
N HIS A 165 -13.99 -9.29 -48.03
CA HIS A 165 -14.20 -8.41 -46.88
C HIS A 165 -13.48 -8.97 -45.67
N PRO A 166 -12.76 -8.13 -44.90
CA PRO A 166 -12.06 -8.61 -43.70
C PRO A 166 -12.90 -9.45 -42.74
N ILE A 167 -14.04 -8.93 -42.27
CA ILE A 167 -14.80 -9.68 -41.27
C ILE A 167 -15.39 -10.95 -41.88
N ARG A 168 -15.77 -10.94 -43.16
CA ARG A 168 -16.21 -12.17 -43.79
C ARG A 168 -15.07 -13.18 -43.88
N LEU A 169 -13.87 -12.72 -44.24
CA LEU A 169 -12.72 -13.60 -44.25
C LEU A 169 -12.30 -13.99 -42.84
N GLY A 170 -12.34 -13.04 -41.90
CA GLY A 170 -11.97 -13.34 -40.54
C GLY A 170 -12.93 -14.31 -39.86
N LEU A 171 -14.21 -14.26 -40.22
CA LEU A 171 -15.17 -15.21 -39.67
C LEU A 171 -14.93 -16.60 -40.22
N ALA A 172 -14.61 -16.70 -41.52
CA ALA A 172 -14.31 -18.00 -42.10
C ALA A 172 -13.05 -18.60 -41.50
N LEU A 173 -12.09 -17.77 -41.11
CA LEU A 173 -10.87 -18.27 -40.47
C LEU A 173 -11.18 -18.88 -39.11
N ASN A 174 -11.99 -18.18 -38.30
CA ASN A 174 -12.31 -18.68 -36.97
C ASN A 174 -13.29 -19.84 -37.03
N PHE A 175 -14.22 -19.81 -37.99
CA PHE A 175 -15.15 -20.93 -38.14
C PHE A 175 -14.42 -22.19 -38.55
N SER A 176 -13.47 -22.08 -39.48
CA SER A 176 -12.66 -23.23 -39.85
C SER A 176 -11.82 -23.72 -38.69
N VAL A 177 -11.35 -22.81 -37.83
CA VAL A 177 -10.63 -23.22 -36.63
C VAL A 177 -11.56 -23.98 -35.69
N PHE A 178 -12.82 -23.54 -35.61
CA PHE A 178 -13.78 -24.23 -34.76
C PHE A 178 -13.99 -25.68 -35.19
N TYR A 179 -14.07 -25.91 -36.51
CA TYR A 179 -14.27 -27.27 -36.99
C TYR A 179 -13.06 -28.15 -36.73
N TYR A 180 -11.85 -27.60 -36.86
CA TYR A 180 -10.64 -28.40 -36.71
C TYR A 180 -10.36 -28.72 -35.25
N GLU A 181 -10.46 -27.72 -34.38
CA GLU A 181 -10.00 -27.90 -33.00
C GLU A 181 -11.12 -28.34 -32.05
N ILE A 182 -12.33 -27.84 -32.24
CA ILE A 182 -13.44 -28.22 -31.37
C ILE A 182 -14.13 -29.48 -31.86
N LEU A 183 -14.58 -29.50 -33.12
CA LEU A 183 -15.31 -30.63 -33.66
C LEU A 183 -14.42 -31.72 -34.23
N ASN A 184 -13.12 -31.45 -34.40
CA ASN A 184 -12.17 -32.42 -34.94
C ASN A 184 -12.62 -32.94 -36.30
N SER A 185 -13.00 -32.02 -37.18
CA SER A 185 -13.41 -32.32 -38.55
C SER A 185 -12.44 -31.59 -39.49
N PRO A 186 -11.27 -32.19 -39.76
CA PRO A 186 -10.29 -31.48 -40.59
C PRO A 186 -10.74 -31.29 -42.03
N GLU A 187 -11.46 -32.26 -42.60
CA GLU A 187 -11.93 -32.12 -43.97
C GLU A 187 -12.96 -31.00 -44.11
N LYS A 188 -13.79 -30.81 -43.09
CA LYS A 188 -14.72 -29.68 -43.10
C LYS A 188 -13.97 -28.37 -42.89
N ALA A 189 -12.99 -28.36 -41.99
CA ALA A 189 -12.20 -27.16 -41.76
C ALA A 189 -11.39 -26.79 -43.00
N CYS A 190 -10.80 -27.79 -43.66
CA CYS A 190 -10.03 -27.52 -44.87
C CYS A 190 -10.94 -27.04 -46.00
N SER A 191 -12.15 -27.61 -46.10
CA SER A 191 -13.08 -27.20 -47.14
C SER A 191 -13.53 -25.75 -46.93
N LEU A 192 -13.91 -25.41 -45.70
CA LEU A 192 -14.41 -24.06 -45.42
C LEU A 192 -13.34 -23.02 -45.73
N ALA A 193 -12.09 -23.28 -45.32
CA ALA A 193 -11.01 -22.33 -45.56
C ALA A 193 -10.63 -22.27 -47.03
N LYS A 194 -10.88 -23.34 -47.78
CA LYS A 194 -10.49 -23.37 -49.19
C LYS A 194 -11.44 -22.56 -50.05
N THR A 195 -12.75 -22.78 -49.90
CA THR A 195 -13.72 -22.00 -50.67
C THR A 195 -13.67 -20.53 -50.30
N ALA A 196 -13.50 -20.23 -49.01
CA ALA A 196 -13.36 -18.84 -48.58
C ALA A 196 -12.14 -18.19 -49.22
N PHE A 197 -11.01 -18.90 -49.24
CA PHE A 197 -9.83 -18.39 -49.93
C PHE A 197 -10.07 -18.30 -51.44
N ASP A 198 -10.66 -19.35 -52.03
CA ASP A 198 -10.87 -19.36 -53.47
C ASP A 198 -11.90 -18.34 -53.91
N GLU A 199 -12.92 -18.07 -53.09
CA GLU A 199 -13.89 -17.04 -53.44
C GLU A 199 -13.28 -15.64 -53.35
N ALA A 200 -12.29 -15.46 -52.47
CA ALA A 200 -11.63 -14.16 -52.37
C ALA A 200 -10.73 -13.92 -53.59
N ILE A 201 -10.04 -14.97 -54.05
CA ILE A 201 -9.23 -14.84 -55.26
C ILE A 201 -10.09 -14.53 -56.46
N ALA A 202 -11.35 -14.97 -56.45
CA ALA A 202 -12.25 -14.70 -57.58
C ALA A 202 -12.49 -13.20 -57.74
N GLU A 203 -12.58 -12.47 -56.64
CA GLU A 203 -12.74 -11.02 -56.72
C GLU A 203 -11.46 -10.37 -57.21
N LEU A 204 -10.30 -10.90 -56.83
CA LEU A 204 -9.02 -10.38 -57.31
C LEU A 204 -8.62 -11.06 -58.62
N SER A 211 -8.77 -1.14 -48.53
CA SER A 211 -8.56 -2.01 -47.37
C SER A 211 -8.04 -3.38 -47.80
N TYR A 212 -7.31 -3.40 -48.91
CA TYR A 212 -6.81 -4.67 -49.44
C TYR A 212 -5.78 -5.30 -48.51
N LYS A 213 -5.00 -4.49 -47.80
CA LYS A 213 -3.95 -5.02 -46.94
C LYS A 213 -4.52 -5.90 -45.84
N ASP A 214 -5.66 -5.51 -45.27
CA ASP A 214 -6.27 -6.31 -44.21
C ASP A 214 -6.82 -7.62 -44.76
N SER A 215 -7.37 -7.59 -45.98
CA SER A 215 -7.96 -8.79 -46.56
C SER A 215 -6.90 -9.82 -46.94
N THR A 216 -5.85 -9.37 -47.62
CA THR A 216 -4.81 -10.30 -48.06
C THR A 216 -4.06 -10.94 -46.90
N LEU A 217 -4.04 -10.29 -45.73
CA LEU A 217 -3.41 -10.91 -44.56
C LEU A 217 -4.21 -12.13 -44.09
N ILE A 218 -5.54 -12.04 -44.11
CA ILE A 218 -6.36 -13.14 -43.66
C ILE A 218 -6.33 -14.29 -44.66
N MET A 219 -6.33 -13.97 -45.95
CA MET A 219 -6.23 -15.01 -46.97
C MET A 219 -4.92 -15.79 -46.84
N GLN A 220 -3.84 -15.09 -46.48
CA GLN A 220 -2.59 -15.79 -46.18
C GLN A 220 -2.76 -16.69 -44.95
N LEU A 221 -3.49 -16.21 -43.95
CA LEU A 221 -3.72 -17.02 -42.75
C LEU A 221 -4.60 -18.22 -43.05
N LEU A 222 -5.60 -18.03 -43.92
CA LEU A 222 -6.46 -19.15 -44.30
C LEU A 222 -5.66 -20.25 -44.99
N ARG A 223 -4.87 -19.88 -46.00
CA ARG A 223 -4.04 -20.86 -46.68
C ARG A 223 -2.93 -21.39 -45.76
N ASP A 224 -2.48 -20.58 -44.80
CA ASP A 224 -1.52 -21.07 -43.82
C ASP A 224 -2.10 -22.21 -43.01
N ASN A 225 -3.36 -22.08 -42.60
CA ASN A 225 -4.01 -23.17 -41.88
C ASN A 225 -4.23 -24.39 -42.77
N LEU A 226 -4.49 -24.16 -44.06
CA LEU A 226 -4.66 -25.27 -44.99
C LEU A 226 -3.37 -26.07 -45.13
N THR A 227 -2.22 -25.39 -45.21
CA THR A 227 -0.95 -26.07 -45.29
C THR A 227 -0.68 -26.89 -44.04
N LEU A 228 -1.01 -26.33 -42.87
CA LEU A 228 -0.78 -27.03 -41.61
C LEU A 228 -1.69 -28.25 -41.48
N TRP A 229 -2.99 -28.07 -41.73
CA TRP A 229 -3.95 -29.13 -41.46
C TRP A 229 -3.78 -30.32 -42.40
N THR A 230 -3.36 -30.09 -43.65
CA THR A 230 -3.11 -31.16 -44.60
C THR A 230 -1.69 -31.73 -44.46
N SER A 231 -1.02 -31.48 -43.35
CA SER A 231 0.32 -32.00 -43.12
C SER A 231 0.35 -32.89 -41.89
N MET B 2 -0.68 -23.39 4.97
CA MET B 2 0.03 -23.51 3.70
C MET B 2 1.54 -23.58 3.96
N ASP B 3 2.15 -24.74 3.73
CA ASP B 3 3.57 -24.91 3.99
C ASP B 3 4.41 -24.18 2.93
N LYS B 4 5.71 -24.10 3.20
CA LYS B 4 6.60 -23.34 2.32
C LYS B 4 6.86 -24.08 1.01
N ASN B 5 7.02 -25.41 1.07
CA ASN B 5 7.28 -26.17 -0.14
C ASN B 5 6.10 -26.15 -1.11
N GLU B 6 4.89 -25.87 -0.61
CA GLU B 6 3.74 -25.79 -1.50
C GLU B 6 3.59 -24.40 -2.09
N LEU B 7 3.97 -23.35 -1.34
CA LEU B 7 4.02 -22.01 -1.90
C LEU B 7 5.05 -21.92 -3.03
N VAL B 8 6.20 -22.58 -2.86
CA VAL B 8 7.24 -22.53 -3.89
C VAL B 8 6.77 -23.22 -5.16
N GLN B 9 6.08 -24.35 -5.03
CA GLN B 9 5.58 -25.06 -6.21
C GLN B 9 4.56 -24.22 -6.97
N LYS B 10 3.64 -23.58 -6.23
CA LYS B 10 2.67 -22.71 -6.89
C LYS B 10 3.33 -21.51 -7.53
N ALA B 11 4.48 -21.09 -7.01
CA ALA B 11 5.21 -19.97 -7.61
C ALA B 11 5.90 -20.41 -8.90
N LYS B 12 6.40 -21.64 -8.95
CA LYS B 12 6.99 -22.16 -10.18
C LYS B 12 5.92 -22.39 -11.24
N LEU B 13 4.74 -22.87 -10.83
CA LEU B 13 3.63 -22.99 -11.76
C LEU B 13 3.21 -21.62 -12.29
N ALA B 14 3.20 -20.61 -11.42
CA ALA B 14 2.82 -19.26 -11.84
C ALA B 14 3.82 -18.68 -12.83
N GLU B 15 5.10 -19.03 -12.70
CA GLU B 15 6.09 -18.57 -13.67
C GLU B 15 5.87 -19.20 -15.03
N GLN B 16 5.52 -20.49 -15.06
CA GLN B 16 5.21 -21.15 -16.32
C GLN B 16 3.99 -20.51 -16.98
N ALA B 17 2.97 -20.19 -16.19
CA ALA B 17 1.75 -19.57 -16.70
C ALA B 17 1.90 -18.07 -16.93
N GLU B 18 3.09 -17.51 -16.69
CA GLU B 18 3.34 -16.08 -16.83
C GLU B 18 2.38 -15.25 -15.97
N ARG B 19 1.94 -15.82 -14.85
CA ARG B 19 1.08 -15.12 -13.89
C ARG B 19 1.97 -14.61 -12.77
N TYR B 20 2.61 -13.47 -13.03
CA TYR B 20 3.67 -12.99 -12.15
C TYR B 20 3.14 -12.31 -10.90
N ASP B 21 1.93 -11.74 -10.96
CA ASP B 21 1.32 -11.24 -9.74
C ASP B 21 1.10 -12.36 -8.73
N ASP B 22 0.71 -13.54 -9.22
CA ASP B 22 0.58 -14.70 -8.34
C ASP B 22 1.94 -15.19 -7.86
N MET B 23 2.95 -15.10 -8.71
CA MET B 23 4.29 -15.54 -8.32
C MET B 23 4.84 -14.70 -7.16
N ALA B 24 4.68 -13.38 -7.25
CA ALA B 24 5.21 -12.51 -6.20
C ALA B 24 4.47 -12.73 -4.89
N ALA B 25 3.16 -12.98 -4.95
CA ALA B 25 2.40 -13.21 -3.72
C ALA B 25 2.84 -14.51 -3.05
N CYS B 26 3.19 -15.52 -3.84
CA CYS B 26 3.66 -16.77 -3.26
C CYS B 26 5.04 -16.61 -2.64
N MET B 27 5.95 -15.93 -3.35
CA MET B 27 7.29 -15.73 -2.81
C MET B 27 7.32 -14.75 -1.65
N LYS B 28 6.36 -13.81 -1.61
CA LYS B 28 6.26 -12.91 -0.47
C LYS B 28 5.90 -13.66 0.79
N SER B 29 4.99 -14.64 0.68
CA SER B 29 4.62 -15.43 1.85
C SER B 29 5.73 -16.38 2.26
N VAL B 30 6.53 -16.86 1.30
CA VAL B 30 7.68 -17.69 1.65
C VAL B 30 8.70 -16.87 2.43
N THR B 31 8.95 -15.63 2.00
CA THR B 31 9.91 -14.78 2.68
C THR B 31 9.41 -14.37 4.07
N GLU B 32 8.13 -14.05 4.18
CA GLU B 32 7.57 -13.55 5.44
C GLU B 32 7.50 -14.62 6.53
N GLN B 33 7.92 -15.86 6.24
CA GLN B 33 7.96 -16.91 7.26
C GLN B 33 9.26 -16.92 8.04
N GLY B 34 10.22 -16.05 7.71
CA GLY B 34 11.44 -15.89 8.46
C GLY B 34 12.59 -16.76 8.00
N ALA B 35 12.32 -17.89 7.37
CA ALA B 35 13.38 -18.79 6.95
C ALA B 35 14.19 -18.17 5.82
N GLU B 36 15.51 -18.38 5.87
CA GLU B 36 16.40 -17.86 4.83
C GLU B 36 16.08 -18.52 3.49
N LEU B 37 16.07 -17.71 2.43
CA LEU B 37 15.69 -18.22 1.12
C LEU B 37 16.81 -19.07 0.53
N SER B 38 16.42 -20.17 -0.12
CA SER B 38 17.37 -20.97 -0.87
C SER B 38 17.76 -20.25 -2.15
N ASN B 39 18.72 -20.83 -2.87
CA ASN B 39 19.17 -20.23 -4.12
C ASN B 39 18.04 -20.17 -5.15
N GLU B 40 17.23 -21.23 -5.21
CA GLU B 40 16.11 -21.25 -6.15
C GLU B 40 15.02 -20.27 -5.72
N GLU B 41 14.64 -20.30 -4.45
CA GLU B 41 13.60 -19.40 -3.96
C GLU B 41 14.02 -17.94 -4.07
N ARG B 42 15.30 -17.65 -3.88
CA ARG B 42 15.79 -16.28 -4.03
C ARG B 42 15.67 -15.82 -5.48
N ASN B 43 15.88 -16.73 -6.43
CA ASN B 43 15.72 -16.37 -7.84
C ASN B 43 14.24 -16.25 -8.21
N LEU B 44 13.39 -17.12 -7.66
CA LEU B 44 11.96 -17.03 -7.93
C LEU B 44 11.39 -15.69 -7.45
N LEU B 45 11.82 -15.24 -6.27
CA LEU B 45 11.36 -13.95 -5.76
C LEU B 45 11.88 -12.80 -6.62
N SER B 46 13.13 -12.89 -7.07
CA SER B 46 13.69 -11.83 -7.91
C SER B 46 12.99 -11.76 -9.27
N VAL B 47 12.75 -12.92 -9.89
CA VAL B 47 12.09 -12.94 -11.19
C VAL B 47 10.64 -12.47 -11.06
N ALA B 48 9.97 -12.87 -9.99
CA ALA B 48 8.56 -12.50 -9.82
C ALA B 48 8.40 -10.99 -9.73
N TYR B 49 9.14 -10.35 -8.83
CA TYR B 49 8.98 -8.92 -8.62
C TYR B 49 9.59 -8.08 -9.74
N LYS B 50 10.57 -8.60 -10.47
CA LYS B 50 11.08 -7.88 -11.64
C LYS B 50 10.00 -7.77 -12.71
N ASN B 51 9.28 -8.85 -12.96
CA ASN B 51 8.18 -8.80 -13.93
C ASN B 51 7.03 -7.95 -13.43
N VAL B 52 6.70 -8.05 -12.14
CA VAL B 52 5.63 -7.24 -11.58
C VAL B 52 5.97 -5.76 -11.67
N VAL B 53 7.17 -5.39 -11.23
CA VAL B 53 7.58 -3.99 -11.29
C VAL B 53 7.84 -3.57 -12.72
N GLY B 54 8.22 -4.51 -13.59
CA GLY B 54 8.55 -4.16 -14.95
C GLY B 54 7.34 -3.78 -15.79
N ALA B 55 6.20 -4.44 -15.55
CA ALA B 55 4.99 -4.11 -16.28
C ALA B 55 4.55 -2.68 -15.98
N ARG B 56 4.63 -2.27 -14.72
CA ARG B 56 4.25 -0.90 -14.37
C ARG B 56 5.29 0.10 -14.85
N ARG B 57 6.57 -0.29 -14.86
CA ARG B 57 7.61 0.59 -15.39
C ARG B 57 7.39 0.86 -16.87
N SER B 58 7.07 -0.18 -17.64
CA SER B 58 6.79 0.00 -19.06
C SER B 58 5.52 0.80 -19.28
N SER B 59 4.48 0.52 -18.49
CA SER B 59 3.24 1.29 -18.58
C SER B 59 3.48 2.75 -18.23
N TRP B 60 4.34 3.00 -17.23
CA TRP B 60 4.59 4.37 -16.79
C TRP B 60 5.24 5.20 -17.89
N ARG B 61 6.28 4.65 -18.52
CA ARG B 61 7.01 5.40 -19.55
C ARG B 61 6.12 5.75 -20.74
N VAL B 62 5.10 4.94 -21.00
CA VAL B 62 4.23 5.19 -22.14
C VAL B 62 3.24 6.30 -21.84
N VAL B 63 2.52 6.18 -20.72
CA VAL B 63 1.53 7.20 -20.37
C VAL B 63 2.20 8.51 -19.99
N SER B 64 3.41 8.45 -19.42
CA SER B 64 4.14 9.68 -19.12
C SER B 64 4.56 10.38 -20.40
N SER B 65 4.95 9.63 -21.42
CA SER B 65 5.32 10.23 -22.70
C SER B 65 4.11 10.84 -23.39
N ILE B 66 2.95 10.18 -23.29
CA ILE B 66 1.73 10.72 -23.89
C ILE B 66 1.32 12.01 -23.18
N GLU B 67 1.45 12.05 -21.86
CA GLU B 67 1.11 13.25 -21.10
C GLU B 67 2.00 14.43 -21.50
N GLN B 68 3.27 14.15 -21.79
CA GLN B 68 4.18 15.22 -22.16
C GLN B 68 4.01 15.64 -23.62
N LYS B 69 3.65 14.71 -24.50
CA LYS B 69 3.70 14.93 -25.94
C LYS B 69 2.38 15.37 -26.54
N THR B 70 1.40 15.75 -25.73
CA THR B 70 0.11 16.18 -26.26
C THR B 70 0.03 17.70 -26.37
N GLU B 74 -5.66 19.88 -23.51
CA GLU B 74 -5.90 20.20 -22.11
C GLU B 74 -6.69 19.10 -21.42
N LYS B 75 -7.88 18.82 -21.92
CA LYS B 75 -8.71 17.77 -21.34
C LYS B 75 -8.05 16.41 -21.47
N LYS B 76 -7.49 16.12 -22.65
CA LYS B 76 -6.75 14.86 -22.83
C LYS B 76 -5.45 14.86 -22.04
N GLN B 77 -4.85 16.04 -21.85
CA GLN B 77 -3.63 16.13 -21.04
C GLN B 77 -3.89 15.68 -19.61
N GLN B 78 -4.98 16.15 -19.01
CA GLN B 78 -5.31 15.76 -17.64
C GLN B 78 -5.44 14.26 -17.52
N MET B 79 -6.23 13.64 -18.40
CA MET B 79 -6.47 12.20 -18.30
C MET B 79 -5.17 11.41 -18.42
N ALA B 80 -4.23 11.89 -19.24
CA ALA B 80 -2.92 11.25 -19.30
C ALA B 80 -2.16 11.44 -18.00
N ARG B 81 -2.30 12.61 -17.38
CA ARG B 81 -1.67 12.84 -16.08
C ARG B 81 -2.30 11.97 -15.01
N GLU B 82 -3.63 12.01 -14.90
CA GLU B 82 -4.31 11.26 -13.84
C GLU B 82 -4.06 9.76 -13.96
N TYR B 83 -4.07 9.23 -15.17
CA TYR B 83 -3.82 7.80 -15.36
C TYR B 83 -2.37 7.46 -15.01
N ARG B 84 -1.43 8.36 -15.31
CA ARG B 84 -0.03 8.11 -15.00
C ARG B 84 0.19 8.04 -13.50
N GLU B 85 -0.52 8.87 -12.73
CA GLU B 85 -0.37 8.83 -11.28
C GLU B 85 -0.91 7.54 -10.69
N LYS B 86 -1.97 6.99 -11.29
CA LYS B 86 -2.51 5.71 -10.82
C LYS B 86 -1.49 4.60 -11.01
N ILE B 87 -0.85 4.56 -12.18
CA ILE B 87 0.25 3.61 -12.39
C ILE B 87 1.40 3.92 -11.46
N GLU B 88 1.70 5.22 -11.29
CA GLU B 88 2.81 5.63 -10.44
C GLU B 88 2.61 5.14 -9.01
N THR B 89 1.37 5.21 -8.50
CA THR B 89 1.09 4.62 -7.20
C THR B 89 1.43 3.14 -7.19
N GLU B 90 0.68 2.34 -7.97
CA GLU B 90 0.97 0.92 -8.15
C GLU B 90 2.47 0.62 -8.18
N LEU B 91 3.21 1.41 -8.96
CA LEU B 91 4.66 1.24 -9.04
C LEU B 91 5.32 1.46 -7.69
N ARG B 92 4.88 2.49 -6.95
CA ARG B 92 5.48 2.77 -5.66
C ARG B 92 5.12 1.71 -4.62
N ASP B 93 3.90 1.19 -4.68
CA ASP B 93 3.49 0.14 -3.76
C ASP B 93 4.29 -1.14 -3.97
N ILE B 94 4.64 -1.45 -5.21
CA ILE B 94 5.41 -2.66 -5.50
C ILE B 94 6.83 -2.53 -4.96
N CYS B 95 7.48 -1.39 -5.19
CA CYS B 95 8.84 -1.20 -4.72
C CYS B 95 8.92 -1.22 -3.20
N ASN B 96 7.95 -0.57 -2.54
CA ASN B 96 7.98 -0.53 -1.08
C ASN B 96 7.75 -1.92 -0.47
N ASP B 97 7.01 -2.78 -1.15
CA ASP B 97 6.88 -4.17 -0.69
C ASP B 97 8.22 -4.89 -0.76
N VAL B 98 8.96 -4.71 -1.87
CA VAL B 98 10.25 -5.38 -2.02
C VAL B 98 11.24 -4.88 -0.98
N LEU B 99 11.39 -3.56 -0.89
CA LEU B 99 12.33 -2.99 0.07
C LEU B 99 11.96 -3.28 1.52
N SER B 100 10.68 -3.59 1.78
CA SER B 100 10.30 -4.01 3.12
C SER B 100 10.77 -5.43 3.40
N LEU B 101 10.67 -6.32 2.41
CA LEU B 101 11.17 -7.68 2.59
C LEU B 101 12.69 -7.69 2.71
N LEU B 102 13.38 -6.86 1.92
CA LEU B 102 14.83 -6.79 2.00
C LEU B 102 15.28 -6.28 3.37
N GLU B 103 14.60 -5.25 3.88
CA GLU B 103 15.02 -4.64 5.14
C GLU B 103 14.70 -5.51 6.34
N LYS B 104 13.59 -6.25 6.30
CA LYS B 104 13.13 -7.00 7.45
C LYS B 104 13.51 -8.47 7.43
N PHE B 105 13.72 -9.05 6.25
CA PHE B 105 13.96 -10.49 6.18
C PHE B 105 15.21 -10.84 5.37
N LEU B 106 15.30 -10.32 4.14
CA LEU B 106 16.29 -10.80 3.19
C LEU B 106 17.70 -10.45 3.64
N ILE B 107 18.00 -9.16 3.78
CA ILE B 107 19.34 -8.70 4.14
C ILE B 107 19.73 -9.16 5.54
N PRO B 108 18.87 -9.03 6.57
CA PRO B 108 19.28 -9.50 7.90
C PRO B 108 19.59 -10.98 7.97
N ASN B 109 19.00 -11.80 7.11
CA ASN B 109 19.23 -13.25 7.15
C ASN B 109 20.36 -13.70 6.24
N ALA B 110 20.87 -12.83 5.38
CA ALA B 110 21.94 -13.21 4.44
C ALA B 110 23.22 -13.48 5.21
N SER B 111 23.59 -14.76 5.31
CA SER B 111 24.80 -15.18 6.01
C SER B 111 25.99 -15.37 5.09
N GLN B 112 25.77 -15.46 3.79
CA GLN B 112 26.85 -15.61 2.82
C GLN B 112 27.11 -14.29 2.11
N ALA B 113 28.36 -14.10 1.68
CA ALA B 113 28.71 -12.90 0.94
C ALA B 113 28.01 -12.85 -0.41
N GLU B 114 27.75 -14.01 -1.02
CA GLU B 114 27.03 -14.06 -2.28
C GLU B 114 25.59 -13.57 -2.11
N SER B 115 24.93 -13.99 -1.04
CA SER B 115 23.54 -13.59 -0.82
C SER B 115 23.44 -12.13 -0.41
N LYS B 116 24.41 -11.63 0.36
CA LYS B 116 24.37 -10.25 0.80
C LYS B 116 24.52 -9.29 -0.38
N VAL B 117 25.45 -9.58 -1.30
CA VAL B 117 25.63 -8.74 -2.47
C VAL B 117 24.38 -8.76 -3.33
N PHE B 118 23.72 -9.92 -3.44
CA PHE B 118 22.51 -10.04 -4.23
C PHE B 118 21.40 -9.14 -3.69
N TYR B 119 21.07 -9.31 -2.40
CA TYR B 119 19.98 -8.53 -1.81
C TYR B 119 20.31 -7.05 -1.74
N LEU B 120 21.60 -6.71 -1.61
CA LEU B 120 21.98 -5.30 -1.57
C LEU B 120 21.96 -4.67 -2.95
N LYS B 121 22.29 -5.43 -4.00
CA LYS B 121 22.10 -4.95 -5.36
C LYS B 121 20.62 -4.75 -5.66
N MET B 122 19.79 -5.71 -5.25
CA MET B 122 18.35 -5.60 -5.47
C MET B 122 17.76 -4.44 -4.70
N LYS B 123 18.34 -4.10 -3.54
CA LYS B 123 17.86 -2.93 -2.79
C LYS B 123 18.14 -1.64 -3.56
N GLY B 124 19.33 -1.53 -4.16
CA GLY B 124 19.62 -0.39 -5.00
C GLY B 124 18.79 -0.39 -6.27
N ASP B 125 18.37 -1.58 -6.73
CA ASP B 125 17.56 -1.67 -7.94
C ASP B 125 16.20 -1.02 -7.74
N TYR B 126 15.51 -1.37 -6.65
CA TYR B 126 14.15 -0.89 -6.44
C TYR B 126 14.11 0.52 -5.87
N TYR B 127 15.19 0.99 -5.26
CA TYR B 127 15.30 2.42 -4.97
C TYR B 127 15.56 3.21 -6.25
N ARG B 128 16.25 2.60 -7.22
CA ARG B 128 16.42 3.23 -8.52
C ARG B 128 15.09 3.32 -9.26
N TYR B 129 14.27 2.28 -9.19
CA TYR B 129 12.96 2.31 -9.83
C TYR B 129 12.09 3.40 -9.23
N LEU B 130 12.18 3.60 -7.91
CA LEU B 130 11.48 4.71 -7.28
C LEU B 130 12.03 6.04 -7.76
N ALA B 131 13.33 6.12 -8.02
CA ALA B 131 13.93 7.36 -8.48
C ALA B 131 13.54 7.69 -9.90
N GLU B 132 13.19 6.68 -10.71
CA GLU B 132 12.76 6.93 -12.07
C GLU B 132 11.47 7.74 -12.10
N VAL B 133 10.63 7.61 -11.08
CA VAL B 133 9.33 8.26 -11.03
C VAL B 133 9.27 9.28 -9.89
N ALA B 134 10.42 9.66 -9.33
CA ALA B 134 10.49 10.57 -8.21
C ALA B 134 10.78 11.99 -8.70
N ALA B 135 10.38 12.97 -7.88
CA ALA B 135 10.55 14.37 -8.23
C ALA B 135 10.66 15.21 -6.97
N GLY B 136 11.52 16.22 -7.00
CA GLY B 136 11.63 17.17 -5.93
C GLY B 136 12.55 16.77 -4.80
N ASP B 137 12.21 17.20 -3.58
CA ASP B 137 13.04 16.87 -2.42
C ASP B 137 13.01 15.38 -2.10
N ASP B 138 11.88 14.72 -2.35
CA ASP B 138 11.80 13.28 -2.13
C ASP B 138 12.81 12.54 -3.00
N LYS B 139 12.97 12.96 -4.25
CA LYS B 139 13.83 12.24 -5.19
C LYS B 139 15.27 12.17 -4.68
N LYS B 140 15.78 13.25 -4.10
CA LYS B 140 17.17 13.28 -3.65
C LYS B 140 17.43 12.21 -2.60
N GLY B 141 16.50 12.01 -1.68
CA GLY B 141 16.69 11.01 -0.64
C GLY B 141 16.66 9.59 -1.18
N ILE B 142 15.76 9.33 -2.14
CA ILE B 142 15.69 7.99 -2.73
C ILE B 142 16.94 7.67 -3.53
N VAL B 143 17.45 8.64 -4.28
CA VAL B 143 18.64 8.41 -5.09
C VAL B 143 19.84 8.09 -4.19
N ASP B 144 19.96 8.80 -3.06
CA ASP B 144 21.04 8.52 -2.13
C ASP B 144 20.88 7.14 -1.51
N GLN B 145 19.65 6.72 -1.24
CA GLN B 145 19.42 5.38 -0.72
C GLN B 145 19.83 4.31 -1.73
N SER B 146 19.61 4.59 -3.02
CA SER B 146 20.01 3.63 -4.05
C SER B 146 21.53 3.58 -4.21
N GLN B 147 22.18 4.74 -4.18
CA GLN B 147 23.64 4.77 -4.34
C GLN B 147 24.35 4.13 -3.15
N GLN B 148 23.78 4.24 -1.95
CA GLN B 148 24.41 3.63 -0.78
C GLN B 148 24.25 2.12 -0.81
N ALA B 149 23.11 1.62 -1.29
CA ALA B 149 22.91 0.18 -1.40
C ALA B 149 23.82 -0.41 -2.47
N TYR B 150 23.93 0.26 -3.63
CA TYR B 150 24.82 -0.19 -4.68
C TYR B 150 26.28 -0.15 -4.22
N GLN B 151 26.70 0.98 -3.64
CA GLN B 151 28.10 1.15 -3.25
C GLN B 151 28.50 0.13 -2.21
N GLU B 152 27.62 -0.17 -1.26
CA GLU B 152 27.89 -1.23 -0.29
C GLU B 152 28.12 -2.53 -1.05
N ALA B 153 27.07 -3.06 -1.69
CA ALA B 153 27.18 -4.31 -2.43
C ALA B 153 28.39 -4.35 -3.35
N PHE B 154 28.80 -3.19 -3.87
CA PHE B 154 29.99 -3.13 -4.72
C PHE B 154 31.24 -3.55 -3.95
N GLU B 155 31.30 -3.23 -2.67
CA GLU B 155 32.53 -3.42 -1.91
C GLU B 155 32.63 -4.79 -1.24
N ILE B 156 31.51 -5.45 -0.93
CA ILE B 156 31.61 -6.85 -0.54
C ILE B 156 31.94 -7.72 -1.75
N SER B 157 31.41 -7.38 -2.92
CA SER B 157 31.72 -8.14 -4.13
C SER B 157 33.17 -7.94 -4.56
N LYS B 158 33.72 -6.74 -4.34
CA LYS B 158 35.11 -6.50 -4.71
C LYS B 158 36.07 -7.25 -3.80
N LYS B 159 35.66 -7.55 -2.56
CA LYS B 159 36.53 -8.20 -1.60
C LYS B 159 36.23 -9.68 -1.41
N GLU B 160 35.06 -10.16 -1.83
CA GLU B 160 34.67 -11.54 -1.61
C GLU B 160 34.35 -12.31 -2.89
N MET B 161 34.33 -11.66 -4.05
CA MET B 161 33.94 -12.30 -5.30
C MET B 161 35.04 -12.17 -6.33
N GLN B 162 35.11 -13.15 -7.23
CA GLN B 162 36.02 -13.08 -8.36
C GLN B 162 35.43 -12.19 -9.45
N PRO B 163 36.28 -11.59 -10.30
CA PRO B 163 35.76 -10.66 -11.32
C PRO B 163 34.81 -11.29 -12.33
N THR B 164 34.77 -12.63 -12.41
CA THR B 164 33.90 -13.31 -13.36
C THR B 164 32.60 -13.82 -12.74
N HIS B 165 32.40 -13.58 -11.45
CA HIS B 165 31.17 -14.04 -10.80
C HIS B 165 29.97 -13.30 -11.40
N PRO B 166 28.91 -14.02 -11.78
CA PRO B 166 27.76 -13.35 -12.42
C PRO B 166 27.10 -12.31 -11.54
N ILE B 167 27.08 -12.52 -10.21
CA ILE B 167 26.46 -11.55 -9.32
C ILE B 167 27.28 -10.27 -9.28
N ARG B 168 28.61 -10.39 -9.29
CA ARG B 168 29.46 -9.21 -9.30
C ARG B 168 29.34 -8.46 -10.63
N LEU B 169 29.32 -9.20 -11.74
CA LEU B 169 29.18 -8.55 -13.05
C LEU B 169 27.79 -7.93 -13.20
N GLY B 170 26.76 -8.63 -12.72
CA GLY B 170 25.42 -8.08 -12.81
C GLY B 170 25.23 -6.84 -11.96
N LEU B 171 25.88 -6.80 -10.80
CA LEU B 171 25.81 -5.61 -9.96
C LEU B 171 26.53 -4.44 -10.62
N ALA B 172 27.69 -4.70 -11.24
CA ALA B 172 28.40 -3.64 -11.95
C ALA B 172 27.60 -3.14 -13.15
N LEU B 173 26.79 -4.01 -13.75
CA LEU B 173 25.96 -3.58 -14.88
C LEU B 173 24.86 -2.63 -14.42
N ASN B 174 24.18 -2.96 -13.32
CA ASN B 174 23.11 -2.12 -12.83
C ASN B 174 23.64 -0.86 -12.14
N PHE B 175 24.78 -0.97 -11.45
CA PHE B 175 25.39 0.19 -10.83
C PHE B 175 25.79 1.22 -11.87
N SER B 176 26.38 0.77 -12.98
CA SER B 176 26.74 1.69 -14.05
C SER B 176 25.50 2.28 -14.71
N VAL B 177 24.42 1.49 -14.82
CA VAL B 177 23.17 2.02 -15.35
C VAL B 177 22.63 3.11 -14.43
N PHE B 178 22.75 2.92 -13.12
CA PHE B 178 22.37 3.95 -12.17
C PHE B 178 23.14 5.24 -12.42
N TYR B 179 24.46 5.14 -12.60
CA TYR B 179 25.28 6.32 -12.79
C TYR B 179 24.91 7.07 -14.07
N TYR B 180 24.47 6.35 -15.10
CA TYR B 180 24.16 6.99 -16.37
C TYR B 180 22.78 7.65 -16.36
N GLU B 181 21.77 6.93 -15.87
CA GLU B 181 20.40 7.40 -15.98
C GLU B 181 19.92 8.16 -14.75
N ILE B 182 20.39 7.81 -13.56
CA ILE B 182 19.89 8.43 -12.34
C ILE B 182 20.76 9.59 -11.90
N LEU B 183 22.08 9.41 -11.90
CA LEU B 183 23.01 10.49 -11.55
C LEU B 183 23.42 11.35 -12.73
N ASN B 184 23.12 10.91 -13.96
CA ASN B 184 23.50 11.64 -15.17
C ASN B 184 25.01 11.85 -15.23
N SER B 185 25.77 10.84 -14.82
CA SER B 185 27.22 10.84 -14.88
C SER B 185 27.67 9.77 -15.87
N PRO B 186 27.78 10.09 -17.17
CA PRO B 186 28.22 9.07 -18.12
C PRO B 186 29.66 8.64 -17.92
N GLU B 187 30.51 9.52 -17.39
CA GLU B 187 31.91 9.15 -17.16
C GLU B 187 32.03 8.09 -16.07
N LYS B 188 31.33 8.29 -14.95
CA LYS B 188 31.34 7.29 -13.90
C LYS B 188 30.68 5.99 -14.34
N ALA B 189 29.71 6.08 -15.25
CA ALA B 189 29.05 4.89 -15.76
C ALA B 189 29.96 4.13 -16.71
N CYS B 190 30.61 4.83 -17.63
CA CYS B 190 31.52 4.16 -18.57
C CYS B 190 32.74 3.61 -17.87
N SER B 191 33.26 4.33 -16.87
CA SER B 191 34.43 3.85 -16.13
C SER B 191 34.09 2.60 -15.34
N LEU B 192 32.92 2.56 -14.71
CA LEU B 192 32.54 1.41 -13.90
C LEU B 192 32.32 0.17 -14.77
N ALA B 193 31.68 0.33 -15.93
CA ALA B 193 31.42 -0.82 -16.79
C ALA B 193 32.69 -1.30 -17.48
N LYS B 194 33.56 -0.37 -17.90
CA LYS B 194 34.78 -0.76 -18.60
C LYS B 194 35.74 -1.48 -17.67
N THR B 195 35.81 -1.07 -16.39
CA THR B 195 36.67 -1.75 -15.44
C THR B 195 36.19 -3.17 -15.18
N ALA B 196 34.88 -3.34 -14.96
CA ALA B 196 34.35 -4.67 -14.69
C ALA B 196 34.53 -5.60 -15.87
N PHE B 197 34.42 -5.06 -17.09
CA PHE B 197 34.61 -5.88 -18.29
C PHE B 197 36.06 -6.35 -18.39
N ASP B 198 37.02 -5.45 -18.19
CA ASP B 198 38.42 -5.81 -18.38
C ASP B 198 38.93 -6.70 -17.25
N GLU B 199 38.48 -6.46 -16.02
CA GLU B 199 38.89 -7.32 -14.92
C GLU B 199 38.39 -8.75 -15.11
N ALA B 200 37.19 -8.91 -15.68
CA ALA B 200 36.68 -10.24 -15.96
C ALA B 200 37.39 -10.86 -17.15
N ILE B 201 37.76 -10.04 -18.15
CA ILE B 201 38.52 -10.54 -19.29
C ILE B 201 39.91 -11.00 -18.85
N ALA B 202 40.54 -10.25 -17.94
CA ALA B 202 41.85 -10.65 -17.44
C ALA B 202 41.77 -11.95 -16.64
N GLU B 203 40.70 -12.12 -15.87
CA GLU B 203 40.51 -13.36 -15.12
C GLU B 203 40.16 -14.53 -16.03
N LEU B 204 39.58 -14.27 -17.20
CA LEU B 204 39.19 -15.34 -18.11
C LEU B 204 40.40 -16.16 -18.56
N ASP B 205 41.58 -15.54 -18.63
CA ASP B 205 42.79 -16.28 -18.99
C ASP B 205 43.08 -17.37 -17.97
N THR B 206 43.00 -17.05 -16.69
CA THR B 206 43.25 -18.01 -15.63
C THR B 206 41.98 -18.82 -15.34
N SER B 208 37.01 -19.39 -14.19
CA SER B 208 35.58 -19.61 -13.98
C SER B 208 35.16 -20.95 -14.59
N GLU B 209 34.10 -21.54 -14.01
CA GLU B 209 33.59 -22.82 -14.49
C GLU B 209 32.14 -22.95 -14.03
N GLU B 210 31.33 -23.62 -14.88
CA GLU B 210 29.93 -23.93 -14.62
C GLU B 210 29.03 -22.70 -14.66
N SER B 211 29.61 -21.50 -14.66
CA SER B 211 28.86 -20.26 -14.84
C SER B 211 29.22 -19.58 -16.16
N TYR B 212 29.64 -20.39 -17.14
CA TYR B 212 30.10 -19.87 -18.43
C TYR B 212 29.04 -18.96 -19.07
N LYS B 213 27.82 -19.48 -19.22
CA LYS B 213 26.81 -18.78 -20.00
C LYS B 213 26.40 -17.46 -19.34
N ASP B 214 26.22 -17.45 -18.02
CA ASP B 214 25.71 -16.27 -17.36
C ASP B 214 26.72 -15.13 -17.37
N SER B 215 27.99 -15.43 -17.08
CA SER B 215 28.98 -14.37 -16.97
C SER B 215 29.29 -13.73 -18.33
N THR B 216 29.40 -14.55 -19.38
CA THR B 216 29.73 -14.01 -20.70
C THR B 216 28.56 -13.20 -21.27
N LEU B 217 27.33 -13.53 -20.90
CA LEU B 217 26.19 -12.74 -21.34
C LEU B 217 26.20 -11.35 -20.71
N ILE B 218 26.54 -11.27 -19.43
CA ILE B 218 26.60 -9.97 -18.75
C ILE B 218 27.78 -9.16 -19.28
N MET B 219 28.89 -9.82 -19.60
CA MET B 219 30.03 -9.11 -20.20
C MET B 219 29.64 -8.46 -21.52
N GLN B 220 28.81 -9.12 -22.32
CA GLN B 220 28.35 -8.53 -23.56
C GLN B 220 27.44 -7.33 -23.31
N LEU B 221 26.58 -7.43 -22.28
CA LEU B 221 25.72 -6.30 -21.95
C LEU B 221 26.51 -5.13 -21.38
N LEU B 222 27.62 -5.41 -20.69
CA LEU B 222 28.49 -4.32 -20.23
C LEU B 222 29.10 -3.58 -21.41
N ARG B 223 29.55 -4.31 -22.43
CA ARG B 223 30.13 -3.66 -23.61
C ARG B 223 29.05 -3.03 -24.48
N ASP B 224 27.85 -3.61 -24.50
CA ASP B 224 26.75 -3.01 -25.25
C ASP B 224 26.42 -1.62 -24.72
N ASN B 225 26.30 -1.50 -23.39
CA ASN B 225 26.02 -0.20 -22.79
C ASN B 225 27.17 0.77 -22.99
N LEU B 226 28.41 0.27 -22.92
CA LEU B 226 29.56 1.12 -23.19
C LEU B 226 29.52 1.68 -24.60
N THR B 227 29.14 0.86 -25.58
CA THR B 227 29.09 1.31 -26.96
C THR B 227 28.04 2.40 -27.13
N LEU B 228 26.85 2.20 -26.59
CA LEU B 228 25.78 3.18 -26.76
C LEU B 228 26.09 4.49 -26.04
N TRP B 229 26.71 4.42 -24.86
CA TRP B 229 26.96 5.62 -24.08
C TRP B 229 28.04 6.48 -24.70
N THR B 230 29.10 5.86 -25.22
CA THR B 230 30.15 6.63 -25.88
C THR B 230 29.66 7.27 -27.17
N SER B 231 28.65 6.68 -27.81
CA SER B 231 28.07 7.30 -29.00
C SER B 231 27.37 8.61 -28.67
N ASP B 232 26.93 8.78 -27.42
CA ASP B 232 26.38 10.05 -26.95
C ASP B 232 27.51 10.90 -26.37
N THR B 233 28.43 11.27 -27.26
CA THR B 233 29.61 12.04 -26.87
C THR B 233 29.25 13.49 -26.56
N GLY C 5 18.82 -1.26 -20.43
CA GLY C 5 20.20 -1.69 -20.47
C GLY C 5 20.65 -2.39 -19.20
N LEU C 7 20.23 -5.41 -16.02
CA LEU C 7 20.34 -6.87 -16.03
C LEU C 7 18.98 -7.56 -16.22
N PRO C 8 18.91 -8.46 -17.21
CA PRO C 8 17.67 -9.22 -17.41
C PRO C 8 17.60 -10.46 -16.52
N THR C 9 16.50 -11.21 -16.64
CA THR C 9 16.28 -12.36 -15.76
C THR C 9 16.91 -13.65 -16.27
N PHE C 10 17.19 -13.74 -17.56
CA PHE C 10 17.70 -14.98 -18.17
C PHE C 10 16.78 -16.16 -17.89
N ARG D 4 -2.17 -20.09 -32.71
CA ARG D 4 -1.72 -19.33 -33.86
C ARG D 4 -2.58 -19.63 -35.08
N GLY D 5 -3.75 -20.22 -34.84
CA GLY D 5 -4.65 -20.59 -35.92
C GLY D 5 -5.75 -19.58 -36.18
N LEU D 7 -7.94 -15.81 -35.61
CA LEU D 7 -7.67 -14.47 -36.12
C LEU D 7 -7.06 -13.53 -35.07
N PRO D 8 -5.98 -12.86 -35.43
CA PRO D 8 -5.43 -11.81 -34.57
C PRO D 8 -6.00 -10.44 -34.94
N THR D 9 -5.66 -9.45 -34.13
CA THR D 9 -6.18 -8.09 -34.30
C THR D 9 -5.17 -7.14 -34.92
N PHE D 10 -3.95 -7.59 -35.20
CA PHE D 10 -2.89 -6.75 -35.76
C PHE D 10 -2.65 -5.50 -34.92
N MET E 2 -1.20 20.82 -5.26
CA MET E 2 -2.39 21.14 -4.44
C MET E 2 -2.48 22.63 -4.16
N ASP E 3 -3.71 23.14 -4.15
CA ASP E 3 -3.95 24.54 -3.87
C ASP E 3 -3.85 24.83 -2.38
N LYS E 4 -3.62 26.11 -2.05
CA LYS E 4 -3.50 26.50 -0.65
C LYS E 4 -4.81 26.28 0.10
N ASN E 5 -5.94 26.53 -0.57
CA ASN E 5 -7.24 26.26 0.05
C ASN E 5 -7.45 24.77 0.26
N GLU E 6 -6.94 23.93 -0.65
CA GLU E 6 -7.06 22.50 -0.48
C GLU E 6 -6.19 21.98 0.66
N LEU E 7 -4.97 22.51 0.78
CA LEU E 7 -4.08 22.09 1.86
C LEU E 7 -4.65 22.49 3.22
N VAL E 8 -5.23 23.69 3.31
CA VAL E 8 -5.81 24.14 4.56
C VAL E 8 -7.00 23.26 4.95
N GLN E 9 -7.80 22.86 3.97
CA GLN E 9 -8.95 22.00 4.25
C GLN E 9 -8.50 20.62 4.71
N LYS E 10 -7.47 20.07 4.06
CA LYS E 10 -6.96 18.76 4.47
C LYS E 10 -6.34 18.82 5.86
N ALA E 11 -5.72 19.95 6.21
CA ALA E 11 -5.19 20.10 7.56
C ALA E 11 -6.31 20.12 8.59
N LYS E 12 -7.45 20.73 8.23
CA LYS E 12 -8.61 20.68 9.12
C LYS E 12 -9.17 19.28 9.24
N LEU E 13 -9.13 18.51 8.15
CA LEU E 13 -9.56 17.11 8.21
C LEU E 13 -8.65 16.29 9.10
N ALA E 14 -7.33 16.47 8.96
CA ALA E 14 -6.38 15.72 9.77
C ALA E 14 -6.50 16.06 11.25
N GLU E 15 -6.81 17.32 11.58
CA GLU E 15 -6.99 17.69 12.97
C GLU E 15 -8.20 16.99 13.58
N GLN E 16 -9.30 16.93 12.83
CA GLN E 16 -10.48 16.21 13.30
C GLN E 16 -10.16 14.73 13.49
N ALA E 17 -9.36 14.16 12.60
CA ALA E 17 -8.95 12.76 12.72
C ALA E 17 -7.79 12.57 13.70
N GLU E 18 -7.32 13.65 14.34
CA GLU E 18 -6.21 13.58 15.29
C GLU E 18 -4.97 12.95 14.67
N ARG E 19 -4.72 13.28 13.39
CA ARG E 19 -3.55 12.81 12.65
C ARG E 19 -2.63 14.01 12.46
N TYR E 20 -1.95 14.38 13.55
CA TYR E 20 -1.23 15.65 13.57
C TYR E 20 0.04 15.63 12.74
N ASP E 21 0.63 14.46 12.48
CA ASP E 21 1.74 14.39 11.54
C ASP E 21 1.29 14.79 10.13
N ASP E 22 0.12 14.32 9.72
CA ASP E 22 -0.43 14.72 8.42
C ASP E 22 -0.78 16.20 8.42
N MET E 23 -1.35 16.69 9.53
CA MET E 23 -1.79 18.08 9.59
C MET E 23 -0.60 19.04 9.59
N ALA E 24 0.53 18.63 10.18
CA ALA E 24 1.72 19.48 10.18
C ALA E 24 2.33 19.57 8.79
N ALA E 25 2.31 18.48 8.03
CA ALA E 25 2.84 18.52 6.67
C ALA E 25 2.01 19.42 5.78
N CYS E 26 0.69 19.46 5.99
CA CYS E 26 -0.18 20.31 5.20
C CYS E 26 0.09 21.79 5.50
N MET E 27 0.26 22.14 6.78
CA MET E 27 0.51 23.53 7.14
C MET E 27 1.93 23.96 6.83
N LYS E 28 2.88 23.03 6.79
CA LYS E 28 4.23 23.38 6.35
C LYS E 28 4.24 23.75 4.87
N SER E 29 3.45 23.05 4.06
CA SER E 29 3.36 23.39 2.64
C SER E 29 2.66 24.72 2.42
N VAL E 30 1.68 25.06 3.26
CA VAL E 30 1.03 26.36 3.15
C VAL E 30 2.00 27.48 3.50
N THR E 31 2.80 27.29 4.54
CA THR E 31 3.77 28.31 4.94
C THR E 31 4.84 28.50 3.89
N GLU E 32 5.32 27.41 3.28
CA GLU E 32 6.41 27.48 2.32
C GLU E 32 6.00 28.12 0.99
N GLN E 33 4.72 28.47 0.82
CA GLN E 33 4.30 29.18 -0.38
C GLN E 33 4.57 30.67 -0.32
N GLY E 34 5.10 31.17 0.79
CA GLY E 34 5.58 32.54 0.89
C GLY E 34 4.55 33.58 1.25
N ALA E 35 3.29 33.20 1.45
CA ALA E 35 2.24 34.14 1.78
C ALA E 35 2.03 34.20 3.29
N GLU E 36 1.64 35.39 3.77
CA GLU E 36 1.41 35.58 5.20
C GLU E 36 0.20 34.77 5.64
N LEU E 37 0.37 34.00 6.72
CA LEU E 37 -0.72 33.18 7.23
C LEU E 37 -1.78 34.03 7.90
N SER E 38 -3.02 33.56 7.83
CA SER E 38 -4.12 34.21 8.51
C SER E 38 -4.15 33.76 9.98
N ASN E 39 -5.13 34.28 10.73
CA ASN E 39 -5.28 33.87 12.12
C ASN E 39 -5.55 32.38 12.23
N GLU E 40 -6.44 31.86 11.39
CA GLU E 40 -6.79 30.45 11.45
C GLU E 40 -5.65 29.55 10.98
N GLU E 41 -4.97 29.96 9.90
CA GLU E 41 -3.89 29.12 9.36
C GLU E 41 -2.75 28.98 10.35
N ARG E 42 -2.34 30.08 10.98
CA ARG E 42 -1.24 30.02 11.94
C ARG E 42 -1.64 29.32 13.23
N ASN E 43 -2.93 29.26 13.54
CA ASN E 43 -3.38 28.44 14.67
C ASN E 43 -3.33 26.96 14.32
N LEU E 44 -3.67 26.62 13.07
CA LEU E 44 -3.55 25.24 12.62
C LEU E 44 -2.09 24.79 12.62
N LEU E 45 -1.19 25.66 12.16
CA LEU E 45 0.23 25.32 12.17
C LEU E 45 0.76 25.17 13.59
N SER E 46 0.32 26.03 14.51
CA SER E 46 0.73 25.92 15.90
C SER E 46 0.18 24.63 16.53
N VAL E 47 -1.12 24.37 16.35
CA VAL E 47 -1.72 23.17 16.93
C VAL E 47 -1.08 21.92 16.36
N ALA E 48 -0.79 21.92 15.06
CA ALA E 48 -0.19 20.75 14.42
C ALA E 48 1.15 20.40 15.04
N TYR E 49 2.07 21.36 15.08
CA TYR E 49 3.42 21.08 15.58
C TYR E 49 3.46 20.97 17.09
N LYS E 50 2.50 21.58 17.80
CA LYS E 50 2.42 21.40 19.24
C LYS E 50 2.17 19.94 19.58
N ASN E 51 1.33 19.25 18.81
CA ASN E 51 1.04 17.85 19.06
C ASN E 51 2.15 16.95 18.55
N VAL E 52 2.77 17.30 17.42
CA VAL E 52 3.85 16.49 16.86
C VAL E 52 5.03 16.46 17.82
N VAL E 53 5.43 17.64 18.32
CA VAL E 53 6.53 17.68 19.28
C VAL E 53 6.09 17.23 20.67
N GLY E 54 4.80 17.35 20.98
CA GLY E 54 4.33 16.98 22.30
C GLY E 54 4.44 15.49 22.57
N ALA E 55 4.21 14.67 21.54
CA ALA E 55 4.34 13.23 21.71
C ALA E 55 5.79 12.84 21.96
N ARG E 56 6.73 13.47 21.24
CA ARG E 56 8.15 13.16 21.44
C ARG E 56 8.63 13.65 22.79
N ARG E 57 8.14 14.81 23.23
CA ARG E 57 8.51 15.31 24.56
C ARG E 57 8.01 14.40 25.66
N SER E 58 6.76 13.94 25.54
CA SER E 58 6.21 13.03 26.55
C SER E 58 6.93 11.69 26.54
N SER E 59 7.20 11.14 25.36
CA SER E 59 7.95 9.89 25.28
C SER E 59 9.38 10.06 25.78
N TRP E 60 9.98 11.23 25.53
CA TRP E 60 11.34 11.47 26.00
C TRP E 60 11.42 11.44 27.52
N ARG E 61 10.44 12.05 28.20
CA ARG E 61 10.47 12.10 29.66
C ARG E 61 10.31 10.70 30.26
N VAL E 62 9.51 9.85 29.63
CA VAL E 62 9.31 8.50 30.14
C VAL E 62 10.58 7.67 29.98
N VAL E 63 11.17 7.70 28.77
CA VAL E 63 12.34 6.88 28.51
C VAL E 63 13.56 7.41 29.24
N SER E 64 13.69 8.75 29.35
CA SER E 64 14.81 9.32 30.08
C SER E 64 14.74 8.96 31.56
N SER E 65 13.54 8.99 32.14
CA SER E 65 13.39 8.59 33.54
C SER E 65 13.70 7.11 33.72
N ILE E 66 13.31 6.28 32.75
CA ILE E 66 13.61 4.85 32.83
C ILE E 66 15.11 4.62 32.74
N GLU E 67 15.79 5.33 31.84
CA GLU E 67 17.24 5.20 31.72
C GLU E 67 17.94 5.64 33.01
N GLN E 68 17.44 6.70 33.64
CA GLN E 68 18.04 7.18 34.88
C GLN E 68 17.81 6.21 36.03
N LYS E 69 16.58 5.69 36.16
CA LYS E 69 16.17 4.92 37.32
C LYS E 69 16.61 3.46 37.27
N THR E 70 17.56 3.10 36.41
CA THR E 70 18.06 1.73 36.38
C THR E 70 18.92 1.44 37.60
N ALA E 73 22.29 -2.23 35.97
CA ALA E 73 21.94 -3.09 34.84
C ALA E 73 22.43 -2.48 33.54
N GLU E 74 23.54 -3.01 33.03
CA GLU E 74 24.24 -2.36 31.91
C GLU E 74 23.45 -2.49 30.61
N LYS E 75 22.91 -3.68 30.32
CA LYS E 75 22.30 -3.93 29.02
C LYS E 75 20.98 -3.19 28.87
N LYS E 76 20.11 -3.26 29.88
CA LYS E 76 18.83 -2.56 29.80
C LYS E 76 19.03 -1.06 29.74
N GLN E 77 19.99 -0.53 30.51
CA GLN E 77 20.23 0.91 30.50
C GLN E 77 20.80 1.38 29.17
N GLN E 78 21.63 0.55 28.53
CA GLN E 78 22.15 0.90 27.21
C GLN E 78 21.04 0.96 26.17
N MET E 79 20.05 0.08 26.28
CA MET E 79 18.93 0.08 25.34
C MET E 79 18.04 1.30 25.54
N ALA E 80 17.79 1.68 26.80
CA ALA E 80 16.99 2.86 27.07
C ALA E 80 17.67 4.12 26.54
N ARG E 81 19.00 4.21 26.68
CA ARG E 81 19.72 5.37 26.19
C ARG E 81 19.63 5.48 24.67
N GLU E 82 19.82 4.35 23.97
CA GLU E 82 19.72 4.38 22.51
C GLU E 82 18.32 4.74 22.05
N TYR E 83 17.30 4.28 22.77
CA TYR E 83 15.93 4.66 22.45
C TYR E 83 15.69 6.15 22.71
N ARG E 84 16.20 6.66 23.84
CA ARG E 84 16.04 8.08 24.15
C ARG E 84 16.72 8.96 23.11
N GLU E 85 17.90 8.56 22.65
CA GLU E 85 18.57 9.32 21.60
C GLU E 85 17.81 9.24 20.27
N LYS E 86 17.14 8.11 20.03
CA LYS E 86 16.28 8.02 18.85
C LYS E 86 15.11 8.99 18.94
N ILE E 87 14.48 9.08 20.11
CA ILE E 87 13.42 10.05 20.31
C ILE E 87 13.98 11.46 20.30
N GLU E 88 15.19 11.64 20.84
CA GLU E 88 15.82 12.96 20.86
C GLU E 88 16.07 13.48 19.46
N THR E 89 16.57 12.61 18.56
CA THR E 89 16.80 13.02 17.18
C THR E 89 15.51 13.43 16.51
N GLU E 90 14.42 12.70 16.78
CA GLU E 90 13.12 13.10 16.25
C GLU E 90 12.70 14.46 16.79
N LEU E 91 12.89 14.69 18.09
CA LEU E 91 12.51 15.96 18.69
C LEU E 91 13.30 17.11 18.09
N ARG E 92 14.62 16.92 17.92
CA ARG E 92 15.46 17.98 17.37
C ARG E 92 15.07 18.30 15.92
N ASP E 93 14.72 17.27 15.14
CA ASP E 93 14.34 17.50 13.75
C ASP E 93 13.03 18.26 13.65
N ILE E 94 12.08 17.96 14.54
CA ILE E 94 10.80 18.66 14.54
C ILE E 94 10.99 20.13 14.94
N CYS E 95 11.79 20.37 15.98
CA CYS E 95 12.01 21.74 16.42
C CYS E 95 12.79 22.54 15.39
N ASN E 96 13.80 21.93 14.77
CA ASN E 96 14.54 22.61 13.70
C ASN E 96 13.64 22.86 12.50
N ASP E 97 12.62 22.04 12.29
CA ASP E 97 11.67 22.28 11.22
C ASP E 97 10.86 23.55 11.47
N VAL E 98 10.32 23.68 12.69
CA VAL E 98 9.52 24.86 13.03
C VAL E 98 10.39 26.11 12.99
N LEU E 99 11.57 26.05 13.62
CA LEU E 99 12.43 27.22 13.73
C LEU E 99 12.88 27.72 12.37
N SER E 100 13.08 26.80 11.42
CA SER E 100 13.42 27.22 10.06
C SER E 100 12.21 27.87 9.37
N LEU E 101 11.01 27.37 9.65
CA LEU E 101 9.80 27.98 9.11
C LEU E 101 9.62 29.40 9.65
N LEU E 102 9.87 29.59 10.95
CA LEU E 102 9.71 30.91 11.54
C LEU E 102 10.75 31.89 10.99
N GLU E 103 11.96 31.41 10.72
CA GLU E 103 13.04 32.31 10.33
C GLU E 103 12.94 32.72 8.87
N LYS E 104 12.49 31.83 8.00
CA LYS E 104 12.45 32.12 6.57
C LYS E 104 11.13 32.73 6.12
N PHE E 105 10.02 32.40 6.79
CA PHE E 105 8.70 32.80 6.32
C PHE E 105 7.92 33.60 7.35
N LEU E 106 7.62 33.01 8.51
CA LEU E 106 6.62 33.57 9.41
C LEU E 106 7.06 34.90 10.00
N ILE E 107 8.23 34.92 10.65
CA ILE E 107 8.70 36.15 11.29
C ILE E 107 8.94 37.28 10.28
N PRO E 108 9.63 37.06 9.15
CA PRO E 108 9.85 38.18 8.22
C PRO E 108 8.58 38.69 7.55
N ASN E 109 7.54 37.88 7.45
CA ASN E 109 6.33 38.28 6.74
C ASN E 109 5.26 38.87 7.67
N ALA E 110 5.43 38.76 8.98
CA ALA E 110 4.42 39.25 9.93
C ALA E 110 4.23 40.75 9.78
N SER E 111 3.05 41.15 9.29
CA SER E 111 2.75 42.55 9.03
C SER E 111 2.02 43.24 10.18
N GLN E 112 1.70 42.51 11.25
CA GLN E 112 1.01 43.08 12.39
C GLN E 112 1.68 42.62 13.67
N ALA E 113 1.59 43.45 14.71
CA ALA E 113 2.22 43.15 15.98
C ALA E 113 1.66 41.88 16.61
N GLU E 114 0.40 41.57 16.32
CA GLU E 114 -0.22 40.35 16.87
C GLU E 114 0.54 39.11 16.42
N SER E 115 0.69 38.95 15.10
CA SER E 115 1.38 37.77 14.58
C SER E 115 2.87 37.80 14.88
N LYS E 116 3.46 39.00 14.98
CA LYS E 116 4.88 39.09 15.31
C LYS E 116 5.15 38.55 16.71
N VAL E 117 4.31 38.92 17.68
CA VAL E 117 4.44 38.36 19.03
C VAL E 117 4.15 36.87 19.00
N PHE E 118 3.17 36.45 18.20
CA PHE E 118 2.81 35.04 18.12
C PHE E 118 3.98 34.19 17.64
N TYR E 119 4.64 34.62 16.56
CA TYR E 119 5.74 33.85 16.01
C TYR E 119 6.99 33.95 16.88
N LEU E 120 7.22 35.10 17.50
CA LEU E 120 8.37 35.23 18.39
C LEU E 120 8.18 34.39 19.66
N LYS E 121 6.94 34.29 20.14
CA LYS E 121 6.66 33.37 21.24
C LYS E 121 6.85 31.93 20.81
N MET E 122 6.44 31.61 19.58
CA MET E 122 6.65 30.27 19.05
C MET E 122 8.15 29.96 18.95
N LYS E 123 8.94 30.92 18.49
CA LYS E 123 10.39 30.72 18.40
C LYS E 123 10.99 30.42 19.77
N GLY E 124 10.51 31.12 20.81
CA GLY E 124 10.99 30.83 22.15
C GLY E 124 10.53 29.48 22.66
N ASP E 125 9.32 29.05 22.28
CA ASP E 125 8.82 27.76 22.73
C ASP E 125 9.66 26.61 22.21
N TYR E 126 10.01 26.65 20.93
CA TYR E 126 10.69 25.53 20.31
C TYR E 126 12.19 25.54 20.54
N TYR E 127 12.77 26.70 20.91
CA TYR E 127 14.11 26.69 21.47
C TYR E 127 14.09 26.19 22.91
N ARG E 128 13.01 26.48 23.64
CA ARG E 128 12.86 25.94 24.99
C ARG E 128 12.74 24.42 24.96
N TYR E 129 12.00 23.88 24.00
CA TYR E 129 11.91 22.43 23.86
C TYR E 129 13.26 21.83 23.50
N LEU E 130 14.03 22.52 22.65
CA LEU E 130 15.38 22.06 22.33
C LEU E 130 16.27 22.09 23.56
N ALA E 131 16.11 23.11 24.41
CA ALA E 131 16.92 23.21 25.62
C ALA E 131 16.55 22.16 26.66
N GLU E 132 15.35 21.58 26.57
CA GLU E 132 14.96 20.53 27.51
C GLU E 132 15.83 19.29 27.35
N VAL E 133 16.39 19.08 26.17
CA VAL E 133 17.14 17.87 25.86
C VAL E 133 18.59 18.15 25.48
N ALA E 134 19.03 19.40 25.60
CA ALA E 134 20.39 19.77 25.24
C ALA E 134 21.33 19.61 26.44
N ALA E 135 22.62 19.75 26.18
CA ALA E 135 23.64 19.60 27.21
C ALA E 135 24.92 20.29 26.77
N GLY E 136 25.85 20.41 27.70
CA GLY E 136 27.16 20.95 27.38
C GLY E 136 27.11 22.41 27.00
N ASP E 137 27.92 22.78 26.00
CA ASP E 137 27.97 24.15 25.52
C ASP E 137 26.87 24.46 24.51
N ASP E 138 26.32 23.43 23.86
CA ASP E 138 25.22 23.66 22.92
C ASP E 138 23.97 24.17 23.63
N LYS E 139 23.73 23.72 24.86
CA LYS E 139 22.56 24.17 25.60
C LYS E 139 22.63 25.65 25.92
N LYS E 140 23.82 26.15 26.26
CA LYS E 140 23.97 27.55 26.64
C LYS E 140 23.51 28.48 25.52
N GLY E 141 23.85 28.16 24.28
CA GLY E 141 23.41 28.98 23.17
C GLY E 141 21.93 28.82 22.86
N ILE E 142 21.43 27.59 22.98
CA ILE E 142 20.00 27.35 22.74
C ILE E 142 19.16 28.06 23.79
N VAL E 143 19.57 27.99 25.05
CA VAL E 143 18.85 28.69 26.12
C VAL E 143 18.85 30.19 25.87
N ASP E 144 19.97 30.72 25.37
CA ASP E 144 20.04 32.14 25.08
C ASP E 144 19.11 32.53 23.94
N GLN E 145 19.09 31.73 22.86
CA GLN E 145 18.22 32.05 21.73
C GLN E 145 16.74 31.97 22.13
N SER E 146 16.41 31.11 23.09
CA SER E 146 15.05 31.07 23.60
C SER E 146 14.70 32.34 24.36
N GLN E 147 15.61 32.80 25.22
CA GLN E 147 15.36 33.98 26.03
C GLN E 147 15.18 35.22 25.15
N GLN E 148 16.02 35.37 24.12
CA GLN E 148 15.93 36.53 23.25
C GLN E 148 14.61 36.55 22.49
N ALA E 149 14.15 35.39 22.04
CA ALA E 149 12.87 35.32 21.33
C ALA E 149 11.71 35.71 22.23
N TYR E 150 11.70 35.20 23.47
CA TYR E 150 10.66 35.57 24.42
C TYR E 150 10.74 37.05 24.76
N GLN E 151 11.95 37.59 24.91
CA GLN E 151 12.11 38.98 25.34
C GLN E 151 11.61 39.94 24.28
N GLU E 152 11.96 39.71 23.01
CA GLU E 152 11.49 40.59 21.95
C GLU E 152 9.97 40.51 21.80
N ALA E 153 9.41 39.31 21.95
CA ALA E 153 7.96 39.17 21.98
C ALA E 153 7.36 39.88 23.19
N PHE E 154 8.05 39.78 24.34
CA PHE E 154 7.56 40.43 25.55
C PHE E 154 7.57 41.95 25.42
N GLU E 155 8.60 42.50 24.75
CA GLU E 155 8.69 43.94 24.62
C GLU E 155 7.67 44.48 23.63
N ILE E 156 7.45 43.77 22.52
CA ILE E 156 6.41 44.19 21.58
C ILE E 156 5.03 44.01 22.20
N SER E 157 4.86 42.99 23.04
CA SER E 157 3.54 42.68 23.58
C SER E 157 3.04 43.78 24.51
N LYS E 158 3.88 44.24 25.43
CA LYS E 158 3.46 45.26 26.39
C LYS E 158 3.37 46.65 25.79
N LYS E 159 3.77 46.82 24.52
CA LYS E 159 3.63 48.10 23.84
C LYS E 159 2.39 48.18 22.95
N GLU E 160 1.95 47.06 22.39
CA GLU E 160 0.86 47.06 21.42
C GLU E 160 -0.38 46.31 21.89
N MET E 161 -0.33 45.57 22.99
CA MET E 161 -1.45 44.77 23.45
C MET E 161 -1.88 45.16 24.86
N GLN E 162 -3.16 44.98 25.13
CA GLN E 162 -3.71 45.20 26.45
C GLN E 162 -3.35 44.03 27.37
N PRO E 163 -3.32 44.26 28.68
CA PRO E 163 -2.97 43.17 29.62
C PRO E 163 -3.92 41.99 29.57
N THR E 164 -5.09 42.13 28.96
CA THR E 164 -6.07 41.04 28.86
C THR E 164 -6.02 40.31 27.53
N HIS E 165 -5.10 40.67 26.65
CA HIS E 165 -5.00 39.98 25.36
C HIS E 165 -4.46 38.57 25.58
N PRO E 166 -5.11 37.54 25.02
CA PRO E 166 -4.67 36.17 25.28
C PRO E 166 -3.26 35.87 24.80
N ILE E 167 -2.84 36.45 23.67
CA ILE E 167 -1.48 36.21 23.19
C ILE E 167 -0.47 36.84 24.16
N ARG E 168 -0.78 38.03 24.69
CA ARG E 168 0.07 38.64 25.70
C ARG E 168 0.08 37.82 26.97
N LEU E 169 -1.09 37.32 27.40
CA LEU E 169 -1.15 36.51 28.61
C LEU E 169 -0.48 35.16 28.40
N GLY E 170 -0.70 34.52 27.26
CA GLY E 170 -0.07 33.24 26.99
C GLY E 170 1.43 33.34 26.89
N LEU E 171 1.93 34.43 26.32
CA LEU E 171 3.37 34.64 26.24
C LEU E 171 3.98 34.77 27.63
N ALA E 172 3.31 35.50 28.53
CA ALA E 172 3.78 35.63 29.89
C ALA E 172 3.79 34.29 30.62
N LEU E 173 2.82 33.42 30.31
CA LEU E 173 2.76 32.11 30.95
C LEU E 173 3.94 31.24 30.52
N ASN E 174 4.24 31.22 29.21
CA ASN E 174 5.34 30.40 28.72
C ASN E 174 6.69 31.01 29.08
N PHE E 175 6.79 32.34 29.08
CA PHE E 175 8.03 33.00 29.48
C PHE E 175 8.35 32.71 30.95
N SER E 176 7.33 32.71 31.81
CA SER E 176 7.55 32.36 33.21
C SER E 176 7.97 30.89 33.35
N VAL E 177 7.36 30.01 32.56
CA VAL E 177 7.76 28.60 32.57
C VAL E 177 9.22 28.47 32.16
N PHE E 178 9.64 29.22 31.15
CA PHE E 178 11.03 29.20 30.72
C PHE E 178 11.96 29.65 31.84
N TYR E 179 11.59 30.70 32.56
CA TYR E 179 12.43 31.20 33.65
C TYR E 179 12.56 30.18 34.76
N TYR E 180 11.49 29.42 35.03
CA TYR E 180 11.51 28.48 36.14
C TYR E 180 12.22 27.19 35.77
N GLU E 181 11.78 26.55 34.69
CA GLU E 181 12.26 25.21 34.35
C GLU E 181 13.57 25.20 33.58
N ILE E 182 13.83 26.22 32.77
CA ILE E 182 15.03 26.27 31.94
C ILE E 182 16.12 27.14 32.57
N LEU E 183 15.78 28.36 32.97
CA LEU E 183 16.77 29.25 33.54
C LEU E 183 16.97 29.05 35.04
N ASN E 184 16.16 28.20 35.67
CA ASN E 184 16.28 27.91 37.10
C ASN E 184 16.21 29.17 37.95
N SER E 185 15.27 30.05 37.62
CA SER E 185 15.07 31.31 38.32
C SER E 185 13.62 31.39 38.78
N PRO E 186 13.31 30.82 39.95
CA PRO E 186 11.93 30.89 40.44
C PRO E 186 11.47 32.30 40.75
N GLU E 187 12.38 33.17 41.20
CA GLU E 187 12.00 34.54 41.51
C GLU E 187 11.54 35.28 40.25
N LYS E 188 12.32 35.18 39.18
CA LYS E 188 11.94 35.85 37.94
C LYS E 188 10.72 35.21 37.30
N ALA E 189 10.54 33.89 37.48
CA ALA E 189 9.36 33.22 36.97
C ALA E 189 8.11 33.65 37.74
N CYS E 190 8.19 33.66 39.07
CA CYS E 190 7.04 34.03 39.88
C CYS E 190 6.69 35.51 39.71
N SER E 191 7.70 36.37 39.57
CA SER E 191 7.44 37.79 39.40
C SER E 191 6.77 38.07 38.05
N LEU E 192 7.19 37.34 37.01
CA LEU E 192 6.59 37.56 35.69
C LEU E 192 5.13 37.14 35.66
N ALA E 193 4.81 35.99 36.25
CA ALA E 193 3.43 35.51 36.25
C ALA E 193 2.54 36.37 37.14
N LYS E 194 3.07 36.82 38.28
CA LYS E 194 2.28 37.66 39.18
C LYS E 194 1.93 39.00 38.53
N THR E 195 2.90 39.60 37.84
CA THR E 195 2.66 40.90 37.22
C THR E 195 1.62 40.79 36.11
N ALA E 196 1.75 39.78 35.24
CA ALA E 196 0.81 39.62 34.14
C ALA E 196 -0.60 39.31 34.63
N PHE E 197 -0.73 38.62 35.76
CA PHE E 197 -2.04 38.34 36.32
C PHE E 197 -2.65 39.60 36.92
N ASP E 198 -1.86 40.34 37.70
CA ASP E 198 -2.39 41.53 38.38
C ASP E 198 -2.70 42.65 37.40
N GLU E 199 -1.91 42.78 36.33
CA GLU E 199 -2.21 43.79 35.33
C GLU E 199 -3.51 43.47 34.58
N ALA E 200 -3.77 42.20 34.33
CA ALA E 200 -5.01 41.81 33.66
C ALA E 200 -6.21 42.00 34.58
N ILE E 201 -6.03 41.73 35.88
CA ILE E 201 -7.10 41.99 36.85
C ILE E 201 -7.41 43.47 36.92
N ALA E 202 -6.38 44.31 36.87
CA ALA E 202 -6.60 45.75 36.94
C ALA E 202 -7.41 46.26 35.75
N GLU E 203 -7.09 45.79 34.55
CA GLU E 203 -7.84 46.22 33.36
C GLU E 203 -9.30 45.81 33.47
N LEU E 204 -9.55 44.60 33.95
CA LEU E 204 -10.90 44.07 34.16
C LEU E 204 -11.75 44.13 32.88
N LEU E 207 -14.65 42.37 27.13
CA LEU E 207 -13.42 41.90 26.52
C LEU E 207 -13.69 41.24 25.16
N SER E 208 -14.68 41.78 24.45
CA SER E 208 -15.07 41.29 23.13
C SER E 208 -15.37 39.79 23.18
N GLU E 209 -14.94 39.06 22.15
CA GLU E 209 -15.18 37.63 22.06
C GLU E 209 -13.90 36.81 22.10
N GLU E 210 -12.90 37.17 21.29
CA GLU E 210 -11.66 36.40 21.26
C GLU E 210 -10.88 36.57 22.56
N SER E 211 -10.82 37.78 23.10
CA SER E 211 -10.07 38.01 24.33
C SER E 211 -10.79 37.43 25.54
N TYR E 212 -12.12 37.54 25.58
CA TYR E 212 -12.85 37.15 26.78
C TYR E 212 -12.75 35.66 27.05
N LYS E 213 -12.69 34.84 26.00
CA LYS E 213 -12.74 33.40 26.16
C LYS E 213 -11.48 32.87 26.85
N ASP E 214 -10.32 33.05 26.22
CA ASP E 214 -9.10 32.40 26.67
C ASP E 214 -8.36 33.16 27.77
N SER E 215 -8.58 34.47 27.90
CA SER E 215 -7.84 35.25 28.89
C SER E 215 -8.17 34.80 30.31
N THR E 216 -9.44 34.56 30.60
CA THR E 216 -9.82 34.11 31.93
C THR E 216 -9.23 32.74 32.25
N LEU E 217 -8.99 31.92 31.23
CA LEU E 217 -8.38 30.61 31.45
C LEU E 217 -6.87 30.72 31.63
N ILE E 218 -6.21 31.55 30.82
CA ILE E 218 -4.76 31.73 30.95
C ILE E 218 -4.43 32.37 32.30
N MET E 219 -5.29 33.26 32.79
CA MET E 219 -5.07 33.86 34.10
C MET E 219 -5.08 32.80 35.20
N GLN E 220 -5.96 31.80 35.07
CA GLN E 220 -5.98 30.73 36.05
C GLN E 220 -4.73 29.87 35.96
N LEU E 221 -4.22 29.64 34.76
CA LEU E 221 -2.97 28.90 34.60
C LEU E 221 -1.79 29.68 35.14
N LEU E 222 -1.81 31.01 35.05
CA LEU E 222 -0.76 31.82 35.63
C LEU E 222 -0.74 31.67 37.15
N ARG E 223 -1.91 31.68 37.78
CA ARG E 223 -1.96 31.54 39.24
C ARG E 223 -1.67 30.11 39.67
N ASP E 224 -1.99 29.13 38.83
CA ASP E 224 -1.67 27.73 39.16
C ASP E 224 -0.17 27.53 39.29
N ASN E 225 0.59 28.05 38.32
CA ASN E 225 2.04 27.95 38.39
C ASN E 225 2.60 28.72 39.58
N LEU E 226 1.96 29.85 39.91
CA LEU E 226 2.38 30.61 41.09
C LEU E 226 2.19 29.80 42.37
N THR E 227 1.07 29.06 42.45
CA THR E 227 0.83 28.22 43.62
C THR E 227 1.84 27.09 43.70
N LEU E 228 2.14 26.45 42.56
CA LEU E 228 3.05 25.31 42.58
C LEU E 228 4.49 25.75 42.84
N TRP E 229 4.92 26.86 42.24
CA TRP E 229 6.30 27.28 42.37
C TRP E 229 6.63 27.76 43.78
N THR E 230 5.65 28.30 44.49
CA THR E 230 5.83 28.70 45.88
C THR E 230 5.58 27.54 46.86
N SER E 231 5.63 26.31 46.37
CA SER E 231 5.41 25.14 47.22
C SER E 231 6.63 24.21 47.18
N ASP F 3 18.11 -10.74 19.47
CA ASP F 3 17.67 -11.54 20.61
C ASP F 3 16.18 -11.33 20.89
N LYS F 4 15.49 -12.43 21.20
CA LYS F 4 14.07 -12.34 21.54
C LYS F 4 13.87 -11.56 22.83
N ASN F 5 14.80 -11.70 23.78
CA ASN F 5 14.74 -10.90 25.00
C ASN F 5 14.94 -9.42 24.70
N GLU F 6 15.83 -9.10 23.75
CA GLU F 6 16.07 -7.71 23.38
C GLU F 6 14.83 -7.10 22.75
N LEU F 7 14.19 -7.81 21.83
CA LEU F 7 13.02 -7.27 21.16
C LEU F 7 11.86 -7.07 22.13
N VAL F 8 11.65 -8.03 23.04
CA VAL F 8 10.58 -7.91 24.02
C VAL F 8 10.84 -6.72 24.94
N GLN F 9 12.09 -6.53 25.35
CA GLN F 9 12.43 -5.41 26.22
C GLN F 9 12.27 -4.08 25.49
N LYS F 10 12.57 -4.05 24.19
CA LYS F 10 12.32 -2.84 23.41
C LYS F 10 10.82 -2.57 23.29
N ALA F 11 10.01 -3.62 23.16
CA ALA F 11 8.57 -3.44 23.05
C ALA F 11 7.98 -2.88 24.34
N LYS F 12 8.47 -3.35 25.48
CA LYS F 12 8.02 -2.79 26.75
C LYS F 12 8.40 -1.32 26.88
N LEU F 13 9.60 -0.96 26.40
CA LEU F 13 10.01 0.43 26.39
C LEU F 13 9.08 1.27 25.51
N ALA F 14 8.75 0.76 24.33
CA ALA F 14 7.86 1.49 23.42
C ALA F 14 6.47 1.65 24.03
N GLU F 15 6.01 0.65 24.78
CA GLU F 15 4.73 0.77 25.47
C GLU F 15 4.78 1.86 26.53
N GLN F 16 5.90 1.94 27.26
CA GLN F 16 6.05 2.98 28.26
C GLN F 16 6.03 4.36 27.61
N ALA F 17 6.66 4.50 26.45
CA ALA F 17 6.69 5.76 25.72
C ALA F 17 5.44 6.00 24.87
N GLU F 18 4.48 5.08 24.91
CA GLU F 18 3.25 5.19 24.12
C GLU F 18 3.55 5.33 22.63
N ARG F 19 4.58 4.60 22.17
CA ARG F 19 4.97 4.57 20.76
C ARG F 19 4.60 3.18 20.23
N TYR F 20 3.30 3.00 19.99
CA TYR F 20 2.78 1.67 19.67
C TYR F 20 3.17 1.19 18.29
N ASP F 21 3.49 2.11 17.37
CA ASP F 21 4.08 1.69 16.10
C ASP F 21 5.40 0.98 16.31
N ASP F 22 6.24 1.51 17.21
CA ASP F 22 7.47 0.83 17.58
C ASP F 22 7.17 -0.47 18.31
N MET F 23 6.17 -0.46 19.19
CA MET F 23 5.81 -1.65 19.94
C MET F 23 5.39 -2.78 19.01
N ALA F 24 4.54 -2.47 18.02
CA ALA F 24 4.03 -3.51 17.12
C ALA F 24 5.14 -4.11 16.28
N ALA F 25 6.08 -3.28 15.80
CA ALA F 25 7.16 -3.80 14.98
C ALA F 25 8.05 -4.75 15.77
N CYS F 26 8.31 -4.43 17.04
CA CYS F 26 9.13 -5.31 17.87
C CYS F 26 8.41 -6.63 18.15
N MET F 27 7.11 -6.56 18.47
CA MET F 27 6.35 -7.78 18.71
C MET F 27 6.14 -8.58 17.44
N LYS F 28 6.09 -7.91 16.28
CA LYS F 28 6.00 -8.62 15.02
C LYS F 28 7.24 -9.46 14.76
N SER F 29 8.42 -8.90 15.05
CA SER F 29 9.65 -9.65 14.86
C SER F 29 9.80 -10.78 15.87
N VAL F 30 9.21 -10.62 17.06
CA VAL F 30 9.21 -11.72 18.03
C VAL F 30 8.38 -12.88 17.50
N THR F 31 7.23 -12.58 16.90
CA THR F 31 6.38 -13.63 16.35
C THR F 31 7.07 -14.34 15.18
N GLU F 32 7.70 -13.58 14.29
CA GLU F 32 8.32 -14.15 13.09
C GLU F 32 9.52 -15.03 13.38
N GLN F 33 9.97 -15.12 14.63
CA GLN F 33 11.05 -16.04 14.98
C GLN F 33 10.59 -17.48 15.12
N GLY F 34 9.29 -17.74 14.99
CA GLY F 34 8.76 -19.09 14.91
C GLY F 34 8.39 -19.72 16.24
N ALA F 35 8.91 -19.22 17.35
CA ALA F 35 8.63 -19.82 18.64
C ALA F 35 7.28 -19.38 19.17
N GLU F 36 6.64 -20.29 19.90
CA GLU F 36 5.34 -19.99 20.50
C GLU F 36 5.49 -18.89 21.55
N LEU F 37 4.65 -17.87 21.44
CA LEU F 37 4.73 -16.73 22.35
C LEU F 37 4.29 -17.13 23.75
N SER F 38 4.92 -16.50 24.74
CA SER F 38 4.45 -16.65 26.11
C SER F 38 3.20 -15.80 26.31
N ASN F 39 2.59 -15.93 27.49
CA ASN F 39 1.40 -15.16 27.79
C ASN F 39 1.70 -13.66 27.79
N GLU F 40 2.89 -13.28 28.27
CA GLU F 40 3.25 -11.87 28.33
C GLU F 40 3.49 -11.30 26.94
N GLU F 41 4.29 -12.00 26.12
CA GLU F 41 4.54 -11.54 24.76
C GLU F 41 3.28 -11.55 23.92
N ARG F 42 2.38 -12.50 24.16
CA ARG F 42 1.11 -12.52 23.45
C ARG F 42 0.27 -11.29 23.80
N ASN F 43 0.25 -10.90 25.07
CA ASN F 43 -0.49 -9.72 25.48
C ASN F 43 0.15 -8.45 24.95
N LEU F 44 1.49 -8.42 24.88
CA LEU F 44 2.19 -7.28 24.29
C LEU F 44 1.83 -7.12 22.82
N LEU F 45 1.82 -8.23 22.08
CA LEU F 45 1.44 -8.18 20.67
C LEU F 45 0.01 -7.71 20.51
N SER F 46 -0.89 -8.16 21.39
CA SER F 46 -2.30 -7.77 21.29
C SER F 46 -2.48 -6.29 21.62
N VAL F 47 -1.82 -5.82 22.68
CA VAL F 47 -1.97 -4.42 23.08
C VAL F 47 -1.39 -3.48 22.03
N ALA F 48 -0.26 -3.87 21.43
CA ALA F 48 0.40 -3.01 20.45
C ALA F 48 -0.47 -2.80 19.22
N TYR F 49 -0.97 -3.90 18.64
CA TYR F 49 -1.77 -3.78 17.42
C TYR F 49 -3.16 -3.25 17.70
N LYS F 50 -3.69 -3.46 18.91
CA LYS F 50 -4.96 -2.85 19.29
C LYS F 50 -4.86 -1.33 19.22
N ASN F 51 -3.72 -0.77 19.62
CA ASN F 51 -3.55 0.68 19.59
C ASN F 51 -3.24 1.17 18.19
N VAL F 52 -2.42 0.45 17.44
CA VAL F 52 -2.11 0.84 16.07
C VAL F 52 -3.38 0.84 15.22
N VAL F 53 -4.16 -0.24 15.29
CA VAL F 53 -5.40 -0.31 14.53
C VAL F 53 -6.46 0.62 15.14
N GLY F 54 -6.38 0.89 16.45
CA GLY F 54 -7.37 1.72 17.09
C GLY F 54 -7.31 3.17 16.66
N ALA F 55 -6.11 3.68 16.37
CA ALA F 55 -5.99 5.06 15.91
C ALA F 55 -6.65 5.23 14.55
N ARG F 56 -6.50 4.25 13.66
CA ARG F 56 -7.10 4.35 12.34
C ARG F 56 -8.61 4.18 12.40
N ARG F 57 -9.09 3.29 13.27
CA ARG F 57 -10.54 3.12 13.43
C ARG F 57 -11.19 4.41 13.93
N SER F 58 -10.57 5.05 14.92
CA SER F 58 -11.10 6.31 15.43
C SER F 58 -11.03 7.40 14.36
N SER F 59 -9.91 7.48 13.64
CA SER F 59 -9.78 8.48 12.58
C SER F 59 -10.74 8.20 11.44
N TRP F 60 -10.93 6.93 11.10
CA TRP F 60 -11.83 6.57 10.00
C TRP F 60 -13.26 7.00 10.29
N ARG F 61 -13.75 6.71 11.50
CA ARG F 61 -15.12 7.06 11.86
C ARG F 61 -15.32 8.56 11.84
N VAL F 62 -14.31 9.33 12.25
CA VAL F 62 -14.42 10.78 12.25
C VAL F 62 -14.49 11.31 10.82
N VAL F 63 -13.60 10.81 9.95
CA VAL F 63 -13.55 11.31 8.58
C VAL F 63 -14.72 10.79 7.77
N SER F 64 -15.11 9.53 7.98
CA SER F 64 -16.24 8.98 7.25
C SER F 64 -17.53 9.73 7.58
N SER F 65 -17.70 10.14 8.83
CA SER F 65 -18.87 10.93 9.20
C SER F 65 -18.86 12.29 8.53
N ILE F 66 -17.68 12.88 8.35
CA ILE F 66 -17.59 14.17 7.67
C ILE F 66 -17.91 14.02 6.19
N GLU F 67 -17.50 12.89 5.58
CA GLU F 67 -17.75 12.68 4.17
C GLU F 67 -19.25 12.57 3.87
N GLN F 68 -20.03 12.00 4.78
CA GLN F 68 -21.46 11.87 4.57
C GLN F 68 -22.24 13.10 5.01
N LYS F 69 -21.63 13.99 5.78
CA LYS F 69 -22.29 15.21 6.26
C LYS F 69 -21.94 16.43 5.42
N THR F 70 -21.34 16.23 4.24
CA THR F 70 -20.97 17.35 3.39
C THR F 70 -21.51 17.17 1.97
N ALA F 73 -21.69 20.39 -1.47
CA ALA F 73 -20.27 20.67 -1.31
C ALA F 73 -19.43 19.58 -1.97
N GLU F 74 -19.33 19.65 -3.31
CA GLU F 74 -18.59 18.62 -4.04
C GLU F 74 -17.11 18.66 -3.71
N LYS F 75 -16.54 19.84 -3.54
CA LYS F 75 -15.11 19.95 -3.26
C LYS F 75 -14.77 19.40 -1.88
N LYS F 76 -15.45 19.89 -0.84
CA LYS F 76 -15.13 19.45 0.52
C LYS F 76 -15.44 17.98 0.72
N GLN F 77 -16.52 17.47 0.10
CA GLN F 77 -16.84 16.06 0.21
C GLN F 77 -15.79 15.19 -0.47
N GLN F 78 -15.19 15.68 -1.56
CA GLN F 78 -14.21 14.88 -2.28
C GLN F 78 -12.91 14.74 -1.49
N MET F 79 -12.47 15.82 -0.84
CA MET F 79 -11.28 15.72 0.00
C MET F 79 -11.51 14.76 1.16
N ALA F 80 -12.70 14.79 1.76
CA ALA F 80 -13.00 13.88 2.85
C ALA F 80 -13.08 12.44 2.37
N ARG F 81 -13.55 12.21 1.15
CA ARG F 81 -13.58 10.85 0.61
C ARG F 81 -12.18 10.32 0.37
N GLU F 82 -11.32 11.14 -0.26
CA GLU F 82 -9.95 10.71 -0.53
C GLU F 82 -9.15 10.56 0.75
N TYR F 83 -9.46 11.35 1.78
CA TYR F 83 -8.76 11.18 3.06
C TYR F 83 -9.24 9.94 3.79
N ARG F 84 -10.53 9.62 3.70
CA ARG F 84 -11.02 8.39 4.31
C ARG F 84 -10.41 7.16 3.66
N GLU F 85 -10.29 7.18 2.33
CA GLU F 85 -9.69 6.05 1.63
C GLU F 85 -8.22 5.87 1.99
N LYS F 86 -7.51 6.98 2.23
CA LYS F 86 -6.11 6.89 2.65
C LYS F 86 -6.01 6.29 4.05
N ILE F 87 -6.92 6.68 4.95
CA ILE F 87 -6.97 6.04 6.26
C ILE F 87 -7.42 4.59 6.14
N GLU F 88 -8.35 4.32 5.21
CA GLU F 88 -8.82 2.96 5.01
C GLU F 88 -7.69 2.03 4.57
N THR F 89 -6.82 2.52 3.67
CA THR F 89 -5.71 1.69 3.20
C THR F 89 -4.75 1.35 4.33
N GLU F 90 -4.41 2.33 5.16
CA GLU F 90 -3.61 2.06 6.36
C GLU F 90 -4.31 1.04 7.26
N LEU F 91 -5.61 1.22 7.46
CA LEU F 91 -6.38 0.30 8.29
C LEU F 91 -6.31 -1.13 7.75
N ARG F 92 -6.46 -1.30 6.44
CA ARG F 92 -6.44 -2.63 5.86
C ARG F 92 -5.04 -3.24 5.93
N ASP F 93 -4.00 -2.42 5.77
CA ASP F 93 -2.64 -2.95 5.84
C ASP F 93 -2.32 -3.47 7.24
N ILE F 94 -2.80 -2.78 8.27
CA ILE F 94 -2.56 -3.23 9.64
C ILE F 94 -3.28 -4.56 9.89
N CYS F 95 -4.56 -4.63 9.51
CA CYS F 95 -5.33 -5.85 9.73
C CYS F 95 -4.74 -7.02 8.94
N ASN F 96 -4.29 -6.77 7.71
CA ASN F 96 -3.69 -7.83 6.92
C ASN F 96 -2.38 -8.32 7.54
N ASP F 97 -1.66 -7.43 8.23
CA ASP F 97 -0.46 -7.85 8.94
C ASP F 97 -0.82 -8.78 10.10
N VAL F 98 -1.82 -8.41 10.88
CA VAL F 98 -2.23 -9.22 12.03
C VAL F 98 -2.76 -10.57 11.56
N LEU F 99 -3.66 -10.55 10.57
CA LEU F 99 -4.24 -11.79 10.07
C LEU F 99 -3.19 -12.69 9.44
N SER F 100 -2.13 -12.12 8.88
CA SER F 100 -1.05 -12.94 8.33
C SER F 100 -0.24 -13.59 9.44
N LEU F 101 0.04 -12.85 10.52
CA LEU F 101 0.75 -13.43 11.66
C LEU F 101 -0.06 -14.54 12.30
N LEU F 102 -1.39 -14.36 12.41
CA LEU F 102 -2.23 -15.40 12.99
C LEU F 102 -2.23 -16.66 12.13
N GLU F 103 -2.22 -16.51 10.81
CA GLU F 103 -2.25 -17.67 9.93
C GLU F 103 -0.88 -18.34 9.79
N LYS F 104 0.20 -17.56 9.84
CA LYS F 104 1.53 -18.10 9.60
C LYS F 104 2.22 -18.61 10.86
N PHE F 105 1.92 -18.01 12.03
CA PHE F 105 2.65 -18.37 13.24
C PHE F 105 1.72 -18.69 14.41
N LEU F 106 0.83 -17.76 14.74
CA LEU F 106 0.13 -17.81 16.02
C LEU F 106 -0.82 -18.99 16.12
N ILE F 107 -1.82 -19.05 15.25
CA ILE F 107 -2.79 -20.14 15.29
C ILE F 107 -2.13 -21.51 15.12
N PRO F 108 -1.25 -21.72 14.14
CA PRO F 108 -0.66 -23.08 13.99
C PRO F 108 0.18 -23.52 15.18
N ASN F 109 0.74 -22.59 15.94
CA ASN F 109 1.64 -22.95 17.04
C ASN F 109 0.92 -23.09 18.38
N ALA F 110 -0.34 -22.68 18.48
CA ALA F 110 -1.07 -22.74 19.73
C ALA F 110 -1.23 -24.19 20.20
N SER F 111 -0.53 -24.56 21.26
CA SER F 111 -0.59 -25.92 21.82
C SER F 111 -1.55 -26.03 22.99
N GLN F 112 -2.29 -24.97 23.30
CA GLN F 112 -3.27 -24.97 24.37
C GLN F 112 -4.60 -24.43 23.85
N ALA F 113 -5.69 -24.87 24.48
CA ALA F 113 -7.00 -24.35 24.12
C ALA F 113 -7.11 -22.86 24.42
N GLU F 114 -6.43 -22.39 25.46
CA GLU F 114 -6.45 -20.97 25.79
C GLU F 114 -5.80 -20.14 24.69
N SER F 115 -4.67 -20.60 24.17
CA SER F 115 -4.00 -19.86 23.11
C SER F 115 -4.80 -19.90 21.82
N LYS F 116 -5.34 -21.06 21.46
CA LYS F 116 -6.11 -21.18 20.23
C LYS F 116 -7.34 -20.28 20.27
N VAL F 117 -8.06 -20.28 21.39
CA VAL F 117 -9.24 -19.43 21.51
C VAL F 117 -8.85 -17.96 21.48
N PHE F 118 -7.76 -17.61 22.16
CA PHE F 118 -7.28 -16.23 22.13
C PHE F 118 -6.98 -15.78 20.70
N TYR F 119 -6.21 -16.59 19.97
CA TYR F 119 -5.80 -16.20 18.63
C TYR F 119 -6.95 -16.28 17.63
N LEU F 120 -7.87 -17.22 17.82
CA LEU F 120 -9.04 -17.28 16.96
C LEU F 120 -9.98 -16.10 17.23
N LYS F 121 -10.10 -15.70 18.50
CA LYS F 121 -10.83 -14.48 18.82
C LYS F 121 -10.17 -13.28 18.15
N MET F 122 -8.83 -13.22 18.20
CA MET F 122 -8.11 -12.14 17.53
C MET F 122 -8.38 -12.13 16.03
N LYS F 123 -8.49 -13.32 15.42
CA LYS F 123 -8.77 -13.39 13.99
C LYS F 123 -10.17 -12.85 13.68
N GLY F 124 -11.16 -13.19 14.50
CA GLY F 124 -12.48 -12.61 14.33
C GLY F 124 -12.50 -11.13 14.62
N ASP F 125 -11.65 -10.68 15.55
CA ASP F 125 -11.59 -9.25 15.87
C ASP F 125 -11.14 -8.44 14.66
N TYR F 126 -10.04 -8.85 14.02
CA TYR F 126 -9.45 -8.04 12.96
C TYR F 126 -10.15 -8.23 11.61
N TYR F 127 -10.90 -9.32 11.44
CA TYR F 127 -11.82 -9.39 10.31
C TYR F 127 -13.02 -8.48 10.55
N ARG F 128 -13.48 -8.38 11.80
CA ARG F 128 -14.54 -7.44 12.14
C ARG F 128 -14.12 -6.00 11.87
N TYR F 129 -12.86 -5.68 12.15
CA TYR F 129 -12.36 -4.34 11.85
C TYR F 129 -12.34 -4.09 10.34
N LEU F 130 -12.03 -5.13 9.56
CA LEU F 130 -12.11 -5.00 8.11
C LEU F 130 -13.56 -4.89 7.64
N ALA F 131 -14.47 -5.59 8.32
CA ALA F 131 -15.89 -5.50 7.98
C ALA F 131 -16.50 -4.15 8.31
N GLU F 132 -15.89 -3.41 9.24
CA GLU F 132 -16.41 -2.09 9.59
C GLU F 132 -16.28 -1.11 8.42
N VAL F 133 -15.33 -1.35 7.52
CA VAL F 133 -15.07 -0.44 6.41
C VAL F 133 -15.32 -1.08 5.05
N ALA F 134 -15.54 -2.39 4.99
CA ALA F 134 -15.70 -3.05 3.71
C ALA F 134 -17.03 -2.69 3.06
N ALA F 135 -17.10 -2.90 1.75
CA ALA F 135 -18.31 -2.61 0.98
C ALA F 135 -18.43 -3.61 -0.17
N GLY F 136 -19.63 -3.68 -0.74
CA GLY F 136 -19.87 -4.53 -1.88
C GLY F 136 -19.83 -6.01 -1.53
N ASP F 137 -19.58 -6.82 -2.56
CA ASP F 137 -19.47 -8.26 -2.38
C ASP F 137 -18.27 -8.65 -1.54
N ASP F 138 -17.25 -7.78 -1.46
CA ASP F 138 -16.09 -8.07 -0.62
C ASP F 138 -16.47 -8.13 0.85
N LYS F 139 -17.45 -7.33 1.28
CA LYS F 139 -17.83 -7.30 2.68
C LYS F 139 -18.46 -8.62 3.11
N LYS F 140 -19.24 -9.24 2.23
CA LYS F 140 -19.90 -10.50 2.59
C LYS F 140 -18.89 -11.58 2.95
N GLY F 141 -17.79 -11.65 2.20
CA GLY F 141 -16.76 -12.63 2.51
C GLY F 141 -16.04 -12.32 3.81
N ILE F 142 -15.76 -11.04 4.05
CA ILE F 142 -15.06 -10.66 5.28
C ILE F 142 -15.92 -10.93 6.50
N VAL F 143 -17.22 -10.61 6.42
CA VAL F 143 -18.12 -10.85 7.54
C VAL F 143 -18.18 -12.33 7.89
N ASP F 144 -18.22 -13.19 6.87
CA ASP F 144 -18.25 -14.63 7.11
C ASP F 144 -16.94 -15.13 7.70
N GLN F 145 -15.81 -14.52 7.32
CA GLN F 145 -14.53 -14.89 7.92
C GLN F 145 -14.52 -14.58 9.41
N SER F 146 -15.05 -13.42 9.80
CA SER F 146 -15.10 -13.06 11.21
C SER F 146 -16.01 -14.00 11.99
N GLN F 147 -17.15 -14.36 11.42
CA GLN F 147 -18.09 -15.23 12.13
C GLN F 147 -17.51 -16.63 12.31
N GLN F 148 -16.77 -17.13 11.31
CA GLN F 148 -16.22 -18.47 11.41
C GLN F 148 -15.14 -18.54 12.49
N ALA F 149 -14.24 -17.56 12.53
CA ALA F 149 -13.21 -17.55 13.56
C ALA F 149 -13.82 -17.42 14.94
N TYR F 150 -14.77 -16.50 15.10
CA TYR F 150 -15.46 -16.35 16.38
C TYR F 150 -16.16 -17.63 16.80
N GLN F 151 -16.83 -18.28 15.86
CA GLN F 151 -17.61 -19.48 16.19
C GLN F 151 -16.71 -20.64 16.59
N GLU F 152 -15.57 -20.79 15.91
CA GLU F 152 -14.64 -21.85 16.28
C GLU F 152 -14.05 -21.60 17.66
N ALA F 153 -13.68 -20.35 17.95
CA ALA F 153 -13.21 -20.02 19.29
C ALA F 153 -14.32 -20.23 20.31
N PHE F 154 -15.56 -19.93 19.93
CA PHE F 154 -16.69 -20.14 20.85
C PHE F 154 -16.87 -21.62 21.16
N GLU F 155 -16.69 -22.49 20.16
CA GLU F 155 -16.90 -23.91 20.38
C GLU F 155 -15.77 -24.51 21.23
N ILE F 156 -14.54 -24.03 21.04
CA ILE F 156 -13.43 -24.56 21.82
C ILE F 156 -13.51 -24.08 23.26
N SER F 157 -13.89 -22.82 23.47
CA SER F 157 -13.95 -22.28 24.82
C SER F 157 -15.06 -22.91 25.63
N LYS F 158 -16.20 -23.22 25.00
CA LYS F 158 -17.28 -23.88 25.71
C LYS F 158 -16.95 -25.31 26.08
N LYS F 159 -15.97 -25.91 25.41
CA LYS F 159 -15.59 -27.30 25.64
C LYS F 159 -14.41 -27.45 26.59
N GLU F 160 -13.53 -26.45 26.68
CA GLU F 160 -12.27 -26.59 27.39
C GLU F 160 -12.10 -25.70 28.61
N MET F 161 -12.80 -24.56 28.68
CA MET F 161 -12.60 -23.62 29.77
C MET F 161 -13.87 -23.46 30.60
N GLN F 162 -13.67 -23.03 31.84
CA GLN F 162 -14.78 -22.72 32.72
C GLN F 162 -15.45 -21.42 32.28
N PRO F 163 -16.73 -21.23 32.61
CA PRO F 163 -17.43 -20.00 32.19
C PRO F 163 -16.82 -18.72 32.76
N THR F 164 -15.99 -18.83 33.81
CA THR F 164 -15.39 -17.66 34.43
C THR F 164 -14.04 -17.30 33.83
N HIS F 165 -13.56 -18.05 32.85
CA HIS F 165 -12.26 -17.75 32.26
C HIS F 165 -12.29 -16.39 31.56
N PRO F 166 -11.30 -15.52 31.81
CA PRO F 166 -11.35 -14.19 31.18
C PRO F 166 -11.32 -14.24 29.66
N ILE F 167 -10.56 -15.17 29.08
CA ILE F 167 -10.49 -15.25 27.63
C ILE F 167 -11.82 -15.71 27.04
N ARG F 168 -12.45 -16.69 27.69
CA ARG F 168 -13.77 -17.13 27.24
C ARG F 168 -14.80 -16.01 27.38
N LEU F 169 -14.75 -15.28 28.50
CA LEU F 169 -15.68 -14.18 28.70
C LEU F 169 -15.43 -13.06 27.71
N GLY F 170 -14.16 -12.73 27.45
CA GLY F 170 -13.85 -11.68 26.50
C GLY F 170 -14.24 -12.05 25.08
N LEU F 171 -14.12 -13.32 24.73
CA LEU F 171 -14.57 -13.78 23.42
C LEU F 171 -16.08 -13.62 23.28
N ALA F 172 -16.83 -13.96 24.34
CA ALA F 172 -18.28 -13.76 24.31
C ALA F 172 -18.63 -12.29 24.21
N LEU F 173 -17.78 -11.41 24.77
CA LEU F 173 -18.04 -9.98 24.68
C LEU F 173 -17.90 -9.48 23.25
N ASN F 174 -16.80 -9.86 22.58
CA ASN F 174 -16.57 -9.39 21.22
C ASN F 174 -17.48 -10.10 20.22
N PHE F 175 -17.78 -11.37 20.45
CA PHE F 175 -18.71 -12.08 19.58
C PHE F 175 -20.10 -11.45 19.62
N SER F 176 -20.55 -11.04 20.80
CA SER F 176 -21.85 -10.37 20.91
C SER F 176 -21.80 -8.99 20.25
N VAL F 177 -20.66 -8.30 20.37
CA VAL F 177 -20.49 -7.03 19.67
C VAL F 177 -20.57 -7.25 18.16
N PHE F 178 -19.97 -8.35 17.68
CA PHE F 178 -20.03 -8.66 16.25
C PHE F 178 -21.47 -8.88 15.79
N TYR F 179 -22.26 -9.59 16.59
CA TYR F 179 -23.66 -9.82 16.21
C TYR F 179 -24.45 -8.52 16.22
N TYR F 180 -24.18 -7.65 17.19
CA TYR F 180 -24.95 -6.41 17.30
C TYR F 180 -24.57 -5.42 16.21
N GLU F 181 -23.27 -5.16 16.05
CA GLU F 181 -22.81 -4.07 15.19
C GLU F 181 -22.64 -4.49 13.74
N ILE F 182 -22.14 -5.70 13.48
CA ILE F 182 -21.86 -6.13 12.12
C ILE F 182 -23.08 -6.79 11.49
N LEU F 183 -23.72 -7.72 12.20
CA LEU F 183 -24.82 -8.51 11.65
C LEU F 183 -26.19 -7.90 11.95
N ASN F 184 -26.25 -6.83 12.74
CA ASN F 184 -27.51 -6.18 13.11
C ASN F 184 -28.49 -7.19 13.72
N SER F 185 -27.99 -7.92 14.72
CA SER F 185 -28.78 -8.95 15.40
C SER F 185 -28.76 -8.66 16.90
N PRO F 186 -29.58 -7.71 17.36
CA PRO F 186 -29.56 -7.36 18.79
C PRO F 186 -30.02 -8.50 19.68
N GLU F 187 -31.01 -9.29 19.24
CA GLU F 187 -31.47 -10.40 20.05
C GLU F 187 -30.42 -11.50 20.15
N LYS F 188 -29.76 -11.82 19.03
CA LYS F 188 -28.67 -12.79 19.07
C LYS F 188 -27.52 -12.27 19.92
N ALA F 189 -27.24 -10.96 19.84
CA ALA F 189 -26.16 -10.39 20.62
C ALA F 189 -26.50 -10.39 22.11
N CYS F 190 -27.72 -9.97 22.45
CA CYS F 190 -28.13 -9.94 23.85
C CYS F 190 -28.19 -11.34 24.44
N SER F 191 -28.53 -12.35 23.63
CA SER F 191 -28.62 -13.71 24.14
C SER F 191 -27.23 -14.29 24.40
N LEU F 192 -26.26 -13.97 23.54
CA LEU F 192 -24.91 -14.48 23.75
C LEU F 192 -24.28 -13.89 25.02
N ALA F 193 -24.50 -12.61 25.26
CA ALA F 193 -23.90 -11.97 26.43
C ALA F 193 -24.62 -12.38 27.72
N LYS F 194 -25.94 -12.54 27.65
CA LYS F 194 -26.69 -12.92 28.84
C LYS F 194 -26.35 -14.35 29.27
N THR F 195 -26.18 -15.26 28.31
CA THR F 195 -25.79 -16.62 28.64
C THR F 195 -24.39 -16.66 29.25
N ALA F 196 -23.45 -15.93 28.66
CA ALA F 196 -22.09 -15.92 29.19
C ALA F 196 -22.05 -15.30 30.59
N PHE F 197 -22.84 -14.25 30.82
CA PHE F 197 -22.91 -13.66 32.15
C PHE F 197 -23.54 -14.62 33.15
N ASP F 198 -24.66 -15.23 32.76
CA ASP F 198 -25.37 -16.13 33.69
C ASP F 198 -24.55 -17.38 33.98
N GLU F 199 -23.86 -17.91 32.97
CA GLU F 199 -23.01 -19.08 33.20
C GLU F 199 -21.87 -18.75 34.14
N ALA F 200 -21.27 -17.57 33.99
CA ALA F 200 -20.18 -17.17 34.88
C ALA F 200 -20.68 -16.92 36.29
N ILE F 201 -21.86 -16.29 36.42
CA ILE F 201 -22.45 -16.06 37.74
C ILE F 201 -22.75 -17.40 38.42
N ALA F 202 -23.10 -18.43 37.64
CA ALA F 202 -23.37 -19.73 38.22
C ALA F 202 -22.14 -20.32 38.91
N GLU F 203 -20.94 -20.03 38.39
CA GLU F 203 -19.73 -20.52 39.04
C GLU F 203 -19.27 -19.59 40.15
N LEU F 204 -19.53 -18.29 40.05
CA LEU F 204 -19.20 -17.36 41.11
C LEU F 204 -20.09 -17.58 42.32
N GLU F 209 -10.44 -18.25 40.83
CA GLU F 209 -9.05 -18.65 40.73
C GLU F 209 -8.11 -17.49 41.02
N GLU F 210 -6.93 -17.51 40.40
CA GLU F 210 -5.95 -16.44 40.54
C GLU F 210 -6.09 -15.37 39.47
N SER F 211 -7.26 -15.28 38.82
CA SER F 211 -7.51 -14.28 37.79
C SER F 211 -8.95 -13.80 37.83
N TYR F 212 -9.59 -13.87 39.00
CA TYR F 212 -11.00 -13.51 39.12
C TYR F 212 -11.22 -12.00 39.04
N LYS F 213 -10.16 -11.19 39.05
CA LYS F 213 -10.34 -9.75 38.88
C LYS F 213 -10.64 -9.39 37.44
N ASP F 214 -9.94 -10.02 36.49
CA ASP F 214 -10.22 -9.80 35.07
C ASP F 214 -11.60 -10.31 34.69
N SER F 215 -12.05 -11.40 35.32
CA SER F 215 -13.33 -11.99 34.95
C SER F 215 -14.50 -11.12 35.38
N THR F 216 -14.45 -10.59 36.60
CA THR F 216 -15.56 -9.77 37.09
C THR F 216 -15.68 -8.45 36.33
N LEU F 217 -14.56 -7.95 35.77
CA LEU F 217 -14.64 -6.74 34.97
C LEU F 217 -15.30 -7.01 33.61
N ILE F 218 -14.96 -8.14 32.98
CA ILE F 218 -15.57 -8.48 31.70
C ILE F 218 -17.04 -8.79 31.87
N MET F 219 -17.41 -9.43 32.99
CA MET F 219 -18.82 -9.68 33.27
C MET F 219 -19.59 -8.38 33.42
N GLN F 220 -18.97 -7.37 34.04
CA GLN F 220 -19.60 -6.06 34.12
C GLN F 220 -19.76 -5.44 32.74
N LEU F 221 -18.77 -5.64 31.86
CA LEU F 221 -18.86 -5.12 30.51
C LEU F 221 -19.93 -5.85 29.70
N LEU F 222 -20.07 -7.15 29.91
CA LEU F 222 -21.13 -7.91 29.25
C LEU F 222 -22.50 -7.37 29.64
N ARG F 223 -22.75 -7.20 30.95
CA ARG F 223 -24.02 -6.66 31.41
C ARG F 223 -24.17 -5.19 31.04
N ASP F 224 -23.05 -4.47 30.91
CA ASP F 224 -23.13 -3.08 30.45
C ASP F 224 -23.68 -3.01 29.04
N ASN F 225 -23.23 -3.90 28.16
CA ASN F 225 -23.77 -3.95 26.80
C ASN F 225 -25.23 -4.38 26.81
N LEU F 226 -25.60 -5.29 27.72
CA LEU F 226 -26.99 -5.70 27.83
C LEU F 226 -27.89 -4.53 28.22
N THR F 227 -27.42 -3.69 29.17
CA THR F 227 -28.21 -2.54 29.59
C THR F 227 -28.41 -1.55 28.45
N LEU F 228 -27.35 -1.28 27.69
CA LEU F 228 -27.44 -0.28 26.63
C LEU F 228 -28.24 -0.80 25.42
N TRP F 229 -28.11 -2.10 25.12
CA TRP F 229 -28.74 -2.64 23.92
C TRP F 229 -30.25 -2.78 24.08
N THR F 230 -30.69 -3.37 25.20
CA THR F 230 -32.12 -3.56 25.42
C THR F 230 -32.87 -2.25 25.59
N SER F 231 -32.16 -1.16 25.93
CA SER F 231 -32.79 0.14 26.05
C SER F 231 -33.12 0.78 24.71
N ASP F 232 -32.90 0.08 23.60
CA ASP F 232 -33.21 0.61 22.28
C ASP F 232 -34.54 0.07 21.77
N GLY G 5 -17.58 -0.65 23.65
CA GLY G 5 -18.40 -1.82 23.42
C GLY G 5 -17.63 -3.13 23.52
N LEU G 7 -13.94 -5.55 23.99
CA LEU G 7 -12.99 -5.74 25.08
C LEU G 7 -11.82 -4.76 25.02
N PRO G 8 -11.56 -4.07 26.13
CA PRO G 8 -10.38 -3.19 26.20
C PRO G 8 -9.12 -3.96 26.54
N THR G 9 -8.03 -3.24 26.77
CA THR G 9 -6.74 -3.87 27.07
C THR G 9 -6.49 -3.97 28.57
N GLY H 5 1.98 22.74 32.58
CA GLY H 5 2.56 23.96 33.07
C GLY H 5 2.49 25.11 32.08
N LEU H 7 1.21 26.73 28.07
CA LEU H 7 -0.08 27.05 27.46
C LEU H 7 -0.61 25.91 26.59
N PRO H 8 -1.85 25.51 26.84
CA PRO H 8 -2.50 24.48 26.01
C PRO H 8 -3.09 25.10 24.75
N THR H 9 -3.78 24.27 23.98
CA THR H 9 -4.39 24.72 22.73
C THR H 9 -5.91 24.79 22.84
#